data_5W2C
#
_entry.id   5W2C
#
_cell.length_a   63.709
_cell.length_b   128.923
_cell.length_c   167.705
_cell.angle_alpha   90.00
_cell.angle_beta   90.00
_cell.angle_gamma   90.00
#
_symmetry.space_group_name_H-M   'P 21 21 21'
#
loop_
_entity.id
_entity.type
_entity.pdbx_description
1 polymer 'DNA polymerase kappa'
2 polymer "DNA (5'-D(P*CP*GP*GP*AP*TP*CP*GP*AP*C)-3')"
3 polymer "DNA (5'-D(*CP*TP*AP*TP*(LDG)P*TP*CP*GP*AP*TP*CP*CP*G)-3')"
4 non-polymer 'MAGNESIUM ION'
5 non-polymer GLYCEROL
6 non-polymer 1,2-ETHANEDIOL
7 non-polymer DI(HYDROXYETHYL)ETHER
8 non-polymer "2'-deoxy-5'-O-[(R)-hydroxy{[(R)-hydroxy(phosphonooxy)phosphoryl]amino}phosphoryl]adenosine"
9 water water
#
loop_
_entity_poly.entity_id
_entity_poly.type
_entity_poly.pdbx_seq_one_letter_code
_entity_poly.pdbx_strand_id
1 'polypeptide(L)'
;MSYYHHHHHHDYDIPTTENLYFQGAMDSTKEKCDSYKDDLLLRMGLNDNKAGMEGLDKEKINKIIMEATKGSRFYGNELK
KEKQVNQRIENMMQQKAQITSQQLRKAQLQVDRFAMELEQSRNLSNTIVHIDMDAFYAAVEMRDNPELKDKPIAVGSMSM
LSTSNYHARRFGVRAAMPGFIAKRLCPQLIIVPPNFDKYRAVSKEVKEILADYDPNFMAMSLDEAYLNITKHLEERQNWP
EDKRRYFIKMGSSVENDNPGKEVNKLSEHERSISPLLFEESPSDVQPPGDPFQVNFEEQNNPQILQNSVVFGTSAQEVVK
EIRFRIEQKTTLTASAGIAPNTMLAKVCSDKNKPNGQYQILPNRQAVMDFIKDLPIRKVSGIGKVTEKMLKALGIITCTE
LYQQRALLSLLFSETSWHYFLHISLGLGSTHLTRDGERKSMSVERTFSEINKAEEQYSLCQELCSELAQDLQKERLKGRT
VTIKLKNVNFEVKTRASTVSSVVSTAEEIFAIAKELLKTEIDADFPHPLRLRLMGVRISSFPNEEDRKHQQ
;
A,B
2 'polydeoxyribonucleotide' (DC)(DG)(DG)(DA)(DT)(DC)(DG)(DA)(DC) C,P
3 'polydeoxyribonucleotide' (DC)(DT)(DA)(DT)(LDG)(DT)(DC)(DG)(DA)(DT)(DC)(DC)(DG) D,T
#
loop_
_chem_comp.id
_chem_comp.type
_chem_comp.name
_chem_comp.formula
DA DNA linking 2'-DEOXYADENOSINE-5'-MONOPHOSPHATE 'C10 H14 N5 O6 P'
DC DNA linking 2'-DEOXYCYTIDINE-5'-MONOPHOSPHATE 'C9 H14 N3 O7 P'
DG DNA linking 2'-DEOXYGUANOSINE-5'-MONOPHOSPHATE 'C10 H14 N5 O7 P'
DT DNA linking THYMIDINE-5'-MONOPHOSPHATE 'C10 H15 N2 O8 P'
DZ4 non-polymer 2'-deoxy-5'-O-[(R)-hydroxy{[(R)-hydroxy(phosphonooxy)phosphoryl]amino}phosphoryl]adenosine 'C10 H17 N6 O11 P3'
EDO non-polymer 1,2-ETHANEDIOL 'C2 H6 O2'
GOL non-polymer GLYCEROL 'C3 H8 O3'
LDG non-polymer '2'-deoxy-N-[(1,3-dimethoxy-9,10-dioxo-9,10-dihydroanthracen-2-yl)methyl]guanosine 5'-(dihydrogen phosphate)' 'C27 H26 N5 O11 P'
MG non-polymer 'MAGNESIUM ION' 'Mg 2'
PEG non-polymer DI(HYDROXYETHYL)ETHER 'C4 H10 O3'
#
# COMPACT_ATOMS: atom_id res chain seq x y z
N LEU A 56 -28.13 -8.73 13.69
CA LEU A 56 -29.02 -7.60 13.24
C LEU A 56 -29.94 -8.03 12.08
N ASP A 57 -31.15 -7.43 12.04
CA ASP A 57 -32.23 -7.79 11.08
C ASP A 57 -32.32 -6.76 9.95
N LYS A 58 -32.93 -7.15 8.83
CA LYS A 58 -32.97 -6.30 7.60
C LYS A 58 -33.43 -4.83 7.80
N GLU A 59 -34.28 -4.58 8.80
CA GLU A 59 -34.74 -3.22 9.14
C GLU A 59 -33.78 -2.50 10.09
N LYS A 60 -33.27 -3.22 11.09
CA LYS A 60 -32.31 -2.65 12.04
C LYS A 60 -31.01 -2.22 11.37
N ILE A 61 -30.58 -2.95 10.33
CA ILE A 61 -29.34 -2.64 9.56
C ILE A 61 -29.42 -1.24 8.92
N ASN A 62 -30.45 -1.07 8.10
CA ASN A 62 -30.65 0.18 7.37
C ASN A 62 -30.87 1.37 8.31
N LYS A 63 -31.40 1.08 9.50
CA LYS A 63 -31.54 2.08 10.58
C LYS A 63 -30.19 2.57 11.12
N ILE A 64 -29.25 1.65 11.36
CA ILE A 64 -27.93 2.01 11.94
C ILE A 64 -27.04 2.71 10.90
N ILE A 65 -27.12 2.27 9.64
CA ILE A 65 -26.38 2.90 8.54
C ILE A 65 -26.88 4.33 8.38
N MET A 66 -28.17 4.49 8.10
CA MET A 66 -28.84 5.81 7.97
C MET A 66 -28.48 6.74 9.13
N GLU A 67 -28.50 6.20 10.36
CA GLU A 67 -28.08 6.93 11.57
C GLU A 67 -26.63 7.41 11.52
N ALA A 68 -25.74 6.52 11.09
CA ALA A 68 -24.30 6.83 11.00
C ALA A 68 -23.93 7.71 9.79
N THR A 69 -24.62 7.52 8.67
CA THR A 69 -24.35 8.27 7.43
C THR A 69 -24.99 9.66 7.32
N LYS A 70 -26.09 9.90 8.03
CA LYS A 70 -26.88 11.14 7.89
C LYS A 70 -26.04 12.40 8.05
N GLY A 71 -26.18 13.32 7.10
CA GLY A 71 -25.54 14.64 7.15
C GLY A 71 -24.08 14.73 6.72
N SER A 72 -23.47 13.60 6.36
CA SER A 72 -22.08 13.60 5.90
C SER A 72 -22.03 14.10 4.47
N ARG A 73 -20.88 14.65 4.07
CA ARG A 73 -20.69 15.10 2.68
C ARG A 73 -20.94 13.99 1.69
N PHE A 74 -20.52 12.77 2.04
CA PHE A 74 -20.77 11.59 1.21
C PHE A 74 -22.25 11.37 0.97
N TYR A 75 -23.06 11.53 2.01
CA TYR A 75 -24.51 11.34 1.93
C TYR A 75 -25.17 12.40 1.04
N GLY A 76 -24.77 13.66 1.22
CA GLY A 76 -25.17 14.75 0.35
C GLY A 76 -25.05 14.34 -1.10
N ASN A 77 -23.85 13.90 -1.47
CA ASN A 77 -23.58 13.46 -2.84
C ASN A 77 -24.40 12.24 -3.28
N GLU A 78 -24.66 11.33 -2.35
CA GLU A 78 -25.53 10.17 -2.64
C GLU A 78 -26.98 10.57 -2.92
N LEU A 79 -27.49 11.54 -2.16
CA LEU A 79 -28.81 12.08 -2.41
C LEU A 79 -28.90 12.62 -3.82
N LYS A 80 -27.92 13.45 -4.18
CA LYS A 80 -27.79 14.03 -5.53
C LYS A 80 -27.75 12.97 -6.64
N LYS A 81 -27.06 11.85 -6.39
CA LYS A 81 -27.04 10.71 -7.34
C LYS A 81 -28.41 9.98 -7.43
N GLU A 82 -29.11 9.85 -6.31
CA GLU A 82 -30.47 9.24 -6.30
C GLU A 82 -31.50 10.11 -7.04
N LYS A 83 -31.38 11.43 -6.93
CA LYS A 83 -32.27 12.35 -7.67
C LYS A 83 -32.08 12.22 -9.18
N GLN A 84 -30.82 12.17 -9.63
CA GLN A 84 -30.51 12.00 -11.05
C GLN A 84 -31.07 10.70 -11.63
N VAL A 85 -31.13 9.64 -10.81
CA VAL A 85 -31.68 8.36 -11.26
C VAL A 85 -33.20 8.43 -11.31
N ASN A 86 -33.81 8.99 -10.27
CA ASN A 86 -35.26 9.28 -10.26
C ASN A 86 -35.73 10.10 -11.46
N GLN A 87 -35.00 11.19 -11.74
CA GLN A 87 -35.30 12.02 -12.91
C GLN A 87 -35.23 11.21 -14.20
N ARG A 88 -34.16 10.42 -14.33
CA ARG A 88 -33.96 9.58 -15.51
C ARG A 88 -35.09 8.56 -15.68
N ILE A 89 -35.68 8.11 -14.56
CA ILE A 89 -36.86 7.24 -14.56
C ILE A 89 -38.08 8.03 -15.03
N GLU A 90 -38.31 9.17 -14.39
CA GLU A 90 -39.46 10.03 -14.72
C GLU A 90 -39.48 10.39 -16.22
N ASN A 91 -38.33 10.74 -16.77
CA ASN A 91 -38.17 10.91 -18.23
C ASN A 91 -38.59 9.68 -19.03
N MET A 92 -38.20 8.49 -18.56
CA MET A 92 -38.61 7.23 -19.21
C MET A 92 -40.13 7.02 -19.12
N MET A 93 -40.75 7.44 -18.02
CA MET A 93 -42.20 7.36 -17.88
C MET A 93 -42.90 8.31 -18.86
N GLN A 94 -42.39 9.53 -18.99
CA GLN A 94 -42.91 10.48 -19.97
C GLN A 94 -42.78 9.94 -21.40
N GLN A 95 -41.73 9.17 -21.66
CA GLN A 95 -41.60 8.44 -22.92
C GLN A 95 -42.67 7.37 -23.12
N LYS A 96 -42.95 6.61 -22.05
CA LYS A 96 -43.92 5.49 -22.08
C LYS A 96 -45.35 5.97 -22.26
N ALA A 97 -45.70 7.09 -21.60
CA ALA A 97 -47.04 7.67 -21.74
C ALA A 97 -47.42 7.95 -23.22
N GLN A 98 -46.44 8.41 -24.00
CA GLN A 98 -46.65 8.80 -25.40
C GLN A 98 -46.26 7.74 -26.44
N ILE A 99 -46.29 6.46 -26.05
CA ILE A 99 -46.23 5.36 -27.03
C ILE A 99 -47.67 4.93 -27.34
N THR A 100 -47.95 4.64 -28.61
CA THR A 100 -49.30 4.23 -29.06
C THR A 100 -49.37 2.72 -29.23
N SER A 101 -50.53 2.14 -28.95
CA SER A 101 -50.80 0.71 -29.21
C SER A 101 -50.38 0.26 -30.60
N GLN A 102 -50.52 1.14 -31.60
CA GLN A 102 -50.05 0.86 -32.96
C GLN A 102 -48.54 0.66 -33.07
N GLN A 103 -47.76 1.52 -32.41
CA GLN A 103 -46.29 1.40 -32.41
C GLN A 103 -45.87 0.10 -31.70
N LEU A 104 -46.45 -0.09 -30.51
CA LEU A 104 -46.24 -1.27 -29.67
C LEU A 104 -46.50 -2.59 -30.41
N ARG A 105 -47.52 -2.62 -31.27
CA ARG A 105 -47.80 -3.77 -32.15
C ARG A 105 -46.74 -3.95 -33.26
N LYS A 106 -46.31 -2.85 -33.88
CA LYS A 106 -45.27 -2.92 -34.93
C LYS A 106 -43.89 -3.29 -34.34
N ALA A 107 -43.70 -2.96 -33.06
CA ALA A 107 -42.52 -3.37 -32.30
C ALA A 107 -42.58 -4.86 -31.98
N GLN A 108 -43.67 -5.27 -31.32
CA GLN A 108 -43.93 -6.66 -30.97
C GLN A 108 -43.59 -7.61 -32.11
N LEU A 109 -44.02 -7.28 -33.33
CA LEU A 109 -43.69 -8.08 -34.51
C LEU A 109 -42.18 -8.10 -34.77
N GLN A 110 -41.55 -6.92 -34.75
CA GLN A 110 -40.10 -6.75 -34.97
C GLN A 110 -39.27 -7.57 -33.97
N VAL A 111 -39.63 -7.44 -32.69
CA VAL A 111 -38.96 -8.17 -31.61
C VAL A 111 -39.12 -9.69 -31.76
N ASP A 112 -40.35 -10.14 -32.03
CA ASP A 112 -40.63 -11.58 -32.18
C ASP A 112 -39.95 -12.20 -33.39
N ARG A 113 -39.68 -11.40 -34.40
CA ARG A 113 -38.94 -11.87 -35.57
C ARG A 113 -37.49 -12.15 -35.16
N PHE A 114 -36.92 -11.26 -34.34
CA PHE A 114 -35.57 -11.42 -33.79
C PHE A 114 -35.53 -12.57 -32.75
N ALA A 115 -36.49 -12.57 -31.83
CA ALA A 115 -36.59 -13.63 -30.82
C ALA A 115 -36.61 -15.04 -31.44
N MET A 116 -37.23 -15.19 -32.61
CA MET A 116 -37.21 -16.46 -33.35
C MET A 116 -35.85 -16.72 -34.00
N GLU A 117 -35.14 -15.65 -34.39
CA GLU A 117 -33.77 -15.79 -34.90
C GLU A 117 -32.80 -16.27 -33.82
N LEU A 118 -33.00 -15.78 -32.58
CA LEU A 118 -32.20 -16.20 -31.43
C LEU A 118 -32.53 -17.63 -31.00
N GLU A 119 -33.83 -17.88 -30.80
CA GLU A 119 -34.33 -19.19 -30.41
C GLU A 119 -33.86 -20.34 -31.32
N GLN A 120 -33.81 -20.07 -32.63
CA GLN A 120 -33.36 -21.04 -33.63
C GLN A 120 -31.87 -21.38 -33.50
N SER A 121 -31.07 -20.41 -33.06
CA SER A 121 -29.63 -20.58 -32.87
C SER A 121 -29.22 -21.07 -31.47
N ARG A 122 -30.19 -21.22 -30.55
CA ARG A 122 -29.92 -21.70 -29.18
C ARG A 122 -29.03 -22.94 -29.21
N ASN A 123 -27.98 -22.91 -28.39
CA ASN A 123 -27.04 -24.02 -28.32
C ASN A 123 -27.02 -24.60 -26.92
N LEU A 124 -27.27 -25.91 -26.83
CA LEU A 124 -27.28 -26.63 -25.56
C LEU A 124 -26.20 -27.72 -25.50
N SER A 125 -25.31 -27.74 -26.49
CA SER A 125 -24.33 -28.82 -26.61
C SER A 125 -22.97 -28.55 -25.94
N ASN A 126 -22.81 -27.42 -25.22
CA ASN A 126 -21.59 -27.10 -24.45
C ASN A 126 -21.88 -27.02 -22.95
N THR A 127 -20.93 -27.51 -22.16
CA THR A 127 -21.07 -27.53 -20.71
C THR A 127 -20.11 -26.49 -20.13
N ILE A 128 -20.69 -25.47 -19.53
CA ILE A 128 -19.95 -24.33 -19.01
C ILE A 128 -20.02 -24.36 -17.50
N VAL A 129 -18.84 -24.24 -16.88
CA VAL A 129 -18.73 -24.19 -15.45
C VAL A 129 -18.22 -22.80 -15.09
N HIS A 130 -18.77 -22.26 -14.00
CA HIS A 130 -18.25 -21.06 -13.38
C HIS A 130 -17.86 -21.37 -11.93
N ILE A 131 -16.58 -21.17 -11.60
CA ILE A 131 -16.05 -21.33 -10.24
C ILE A 131 -15.95 -19.95 -9.61
N ASP A 132 -16.27 -19.83 -8.32
CA ASP A 132 -16.20 -18.59 -7.57
C ASP A 132 -15.85 -18.97 -6.13
N MET A 133 -14.70 -18.53 -5.64
CA MET A 133 -14.25 -18.80 -4.26
C MET A 133 -15.15 -18.13 -3.23
N ASP A 134 -15.20 -18.73 -2.04
CA ASP A 134 -16.07 -18.27 -0.95
C ASP A 134 -15.34 -17.30 -0.07
N ALA A 135 -15.96 -16.16 0.21
CA ALA A 135 -15.39 -15.14 1.09
C ALA A 135 -13.85 -14.95 0.97
N PHE A 136 -13.38 -14.86 -0.27
CA PHE A 136 -12.00 -15.22 -0.66
C PHE A 136 -10.93 -14.69 0.26
N TYR A 137 -10.82 -13.37 0.36
CA TYR A 137 -9.75 -12.79 1.16
C TYR A 137 -9.94 -13.19 2.61
N ALA A 138 -11.18 -13.17 3.10
CA ALA A 138 -11.46 -13.43 4.52
C ALA A 138 -11.17 -14.88 4.80
N ALA A 139 -11.56 -15.73 3.87
CA ALA A 139 -11.30 -17.14 3.97
C ALA A 139 -9.80 -17.45 4.05
N VAL A 140 -9.00 -16.72 3.28
CA VAL A 140 -7.54 -16.88 3.35
C VAL A 140 -7.04 -16.45 4.72
N GLU A 141 -7.53 -15.32 5.21
CA GLU A 141 -7.10 -14.81 6.50
C GLU A 141 -7.53 -15.71 7.66
N MET A 142 -8.71 -16.30 7.54
CA MET A 142 -9.16 -17.29 8.52
C MET A 142 -8.27 -18.53 8.52
N ARG A 143 -8.01 -19.06 7.32
CA ARG A 143 -7.17 -20.23 7.13
C ARG A 143 -5.88 -20.18 7.93
N ASP A 144 -5.19 -19.04 7.88
CA ASP A 144 -3.84 -18.90 8.43
C ASP A 144 -3.81 -18.18 9.78
N ASN A 145 -4.97 -17.87 10.34
CA ASN A 145 -5.06 -17.46 11.73
C ASN A 145 -6.33 -18.06 12.36
N PRO A 146 -6.21 -19.22 13.05
CA PRO A 146 -7.35 -19.95 13.63
C PRO A 146 -8.18 -19.14 14.62
N GLU A 147 -7.54 -18.29 15.42
CA GLU A 147 -8.22 -17.33 16.30
C GLU A 147 -9.43 -16.63 15.63
N LEU A 148 -9.30 -16.32 14.34
CA LEU A 148 -10.36 -15.64 13.57
C LEU A 148 -11.56 -16.51 13.20
N LYS A 149 -11.38 -17.82 13.06
CA LYS A 149 -12.49 -18.72 12.73
C LYS A 149 -13.54 -18.71 13.85
N ASP A 150 -14.80 -18.95 13.49
CA ASP A 150 -15.94 -18.81 14.41
C ASP A 150 -16.12 -17.38 14.95
N LYS A 151 -15.57 -16.38 14.27
CA LYS A 151 -15.66 -14.98 14.68
C LYS A 151 -15.97 -14.11 13.44
N PRO A 152 -16.63 -12.94 13.62
CA PRO A 152 -16.98 -12.13 12.45
C PRO A 152 -15.83 -11.21 11.98
N ILE A 153 -15.33 -11.45 10.76
CA ILE A 153 -14.19 -10.69 10.23
C ILE A 153 -14.49 -10.04 8.89
N ALA A 154 -13.71 -9.01 8.59
CA ALA A 154 -13.70 -8.36 7.29
C ALA A 154 -12.27 -8.00 6.94
N VAL A 155 -11.95 -8.10 5.66
CA VAL A 155 -10.63 -7.69 5.16
C VAL A 155 -10.73 -6.26 4.64
N GLY A 156 -9.90 -5.38 5.18
CA GLY A 156 -9.86 -4.01 4.69
C GLY A 156 -9.25 -3.08 5.69
N SER A 157 -9.85 -1.90 5.78
CA SER A 157 -9.42 -0.86 6.71
C SER A 157 -10.67 -0.24 7.29
N MET A 158 -10.48 0.80 8.08
CA MET A 158 -11.59 1.54 8.63
C MET A 158 -12.25 2.40 7.54
N SER A 159 -11.49 2.76 6.50
CA SER A 159 -12.04 3.51 5.35
C SER A 159 -12.82 2.63 4.39
N MET A 160 -12.42 1.37 4.18
CA MET A 160 -13.08 0.53 3.15
C MET A 160 -12.83 -0.95 3.37
N LEU A 161 -13.84 -1.77 3.07
CA LEU A 161 -13.75 -3.20 3.24
C LEU A 161 -13.83 -3.90 1.89
N SER A 162 -12.84 -4.74 1.60
CA SER A 162 -12.81 -5.56 0.39
C SER A 162 -13.91 -6.60 0.40
N THR A 163 -14.00 -7.32 1.51
CA THR A 163 -14.99 -8.39 1.69
C THR A 163 -15.16 -8.65 3.18
N SER A 164 -16.06 -9.56 3.48
CA SER A 164 -16.30 -10.03 4.84
C SER A 164 -16.60 -11.49 4.79
N ASN A 165 -16.39 -12.16 5.92
CA ASN A 165 -16.81 -13.56 6.06
C ASN A 165 -18.33 -13.66 6.28
N TYR A 166 -18.89 -14.81 5.91
CA TYR A 166 -20.32 -15.12 6.11
C TYR A 166 -20.87 -14.88 7.52
N HIS A 167 -20.05 -15.10 8.54
CA HIS A 167 -20.46 -14.79 9.91
C HIS A 167 -20.78 -13.29 10.01
N ALA A 168 -19.86 -12.45 9.57
CA ALA A 168 -20.06 -10.99 9.62
C ALA A 168 -21.13 -10.48 8.63
N ARG A 169 -21.36 -11.22 7.56
CA ARG A 169 -22.44 -10.87 6.61
C ARG A 169 -23.84 -10.98 7.24
N ARG A 170 -24.02 -11.88 8.22
CA ARG A 170 -25.26 -11.95 9.01
C ARG A 170 -25.59 -10.64 9.76
N PHE A 171 -24.60 -9.79 10.01
CA PHE A 171 -24.81 -8.44 10.58
C PHE A 171 -24.90 -7.35 9.50
N GLY A 172 -25.03 -7.77 8.23
CA GLY A 172 -25.08 -6.86 7.09
C GLY A 172 -23.80 -6.12 6.74
N VAL A 173 -22.63 -6.58 7.21
CA VAL A 173 -21.34 -5.95 6.81
C VAL A 173 -20.89 -6.66 5.54
N ARG A 174 -20.48 -5.86 4.55
CA ARG A 174 -20.25 -6.35 3.18
C ARG A 174 -19.11 -5.61 2.47
N ALA A 175 -18.68 -6.19 1.36
CA ALA A 175 -17.81 -5.49 0.44
C ALA A 175 -18.37 -4.12 0.09
N ALA A 176 -17.45 -3.19 -0.13
CA ALA A 176 -17.74 -1.81 -0.49
C ALA A 176 -18.28 -0.97 0.66
N MET A 177 -18.37 -1.53 1.87
CA MET A 177 -18.81 -0.80 3.07
C MET A 177 -17.60 -0.26 3.83
N PRO A 178 -17.66 1.00 4.28
CA PRO A 178 -16.52 1.48 5.06
C PRO A 178 -16.47 0.80 6.42
N GLY A 179 -15.27 0.54 6.91
CA GLY A 179 -15.09 -0.18 8.16
C GLY A 179 -15.77 0.49 9.36
N PHE A 180 -15.71 1.82 9.43
CA PHE A 180 -16.29 2.56 10.55
C PHE A 180 -17.82 2.38 10.67
N ILE A 181 -18.50 2.25 9.53
CA ILE A 181 -19.90 1.85 9.50
C ILE A 181 -20.04 0.39 9.91
N ALA A 182 -19.19 -0.48 9.37
CA ALA A 182 -19.24 -1.91 9.71
C ALA A 182 -19.05 -2.17 11.21
N LYS A 183 -18.23 -1.36 11.88
CA LYS A 183 -18.04 -1.45 13.34
C LYS A 183 -19.30 -1.09 14.14
N ARG A 184 -20.06 -0.10 13.66
CA ARG A 184 -21.36 0.25 14.25
C ARG A 184 -22.42 -0.86 14.08
N LEU A 185 -22.39 -1.57 12.95
CA LEU A 185 -23.27 -2.74 12.74
C LEU A 185 -22.89 -3.99 13.56
N CYS A 186 -21.66 -4.01 14.08
CA CYS A 186 -21.05 -5.20 14.68
C CYS A 186 -19.74 -4.79 15.34
N PRO A 187 -19.77 -4.30 16.59
CA PRO A 187 -18.52 -3.90 17.28
C PRO A 187 -17.54 -5.05 17.57
N GLN A 188 -18.00 -6.29 17.50
CA GLN A 188 -17.12 -7.46 17.66
C GLN A 188 -16.36 -7.77 16.36
N LEU A 189 -16.54 -6.95 15.32
CA LEU A 189 -15.88 -7.16 14.02
C LEU A 189 -14.37 -6.96 14.09
N ILE A 190 -13.64 -7.95 13.61
CA ILE A 190 -12.20 -7.86 13.48
C ILE A 190 -11.91 -7.43 12.03
N ILE A 191 -11.15 -6.37 11.87
CA ILE A 191 -10.76 -5.88 10.56
C ILE A 191 -9.30 -6.20 10.40
N VAL A 192 -8.98 -7.09 9.46
CA VAL A 192 -7.60 -7.51 9.20
C VAL A 192 -7.15 -6.90 7.86
N PRO A 193 -5.93 -6.35 7.80
CA PRO A 193 -5.53 -5.72 6.56
C PRO A 193 -5.30 -6.74 5.45
N PRO A 194 -5.47 -6.31 4.18
CA PRO A 194 -5.24 -7.21 3.06
C PRO A 194 -3.76 -7.62 2.91
N ASN A 195 -3.55 -8.83 2.41
CA ASN A 195 -2.26 -9.32 1.94
C ASN A 195 -2.45 -9.79 0.51
N PHE A 196 -2.38 -8.82 -0.38
CA PHE A 196 -2.74 -9.03 -1.79
CA PHE A 196 -2.75 -9.04 -1.77
C PHE A 196 -1.83 -10.06 -2.49
N ASP A 197 -0.54 -10.05 -2.16
CA ASP A 197 0.37 -11.00 -2.78
C ASP A 197 0.09 -12.45 -2.36
N LYS A 198 -0.38 -12.65 -1.12
CA LYS A 198 -0.91 -13.96 -0.73
C LYS A 198 -2.11 -14.39 -1.59
N TYR A 199 -3.09 -13.51 -1.73
CA TYR A 199 -4.29 -13.83 -2.51
C TYR A 199 -3.91 -14.20 -3.94
N ARG A 200 -2.98 -13.44 -4.50
CA ARG A 200 -2.41 -13.74 -5.81
C ARG A 200 -1.81 -15.16 -5.85
N ALA A 201 -1.08 -15.55 -4.81
CA ALA A 201 -0.48 -16.88 -4.73
C ALA A 201 -1.50 -18.03 -4.64
N VAL A 202 -2.52 -17.82 -3.80
CA VAL A 202 -3.61 -18.78 -3.67
C VAL A 202 -4.35 -18.91 -5.00
N SER A 203 -4.58 -17.77 -5.66
CA SER A 203 -5.23 -17.76 -6.97
C SER A 203 -4.46 -18.60 -7.98
N LYS A 204 -3.14 -18.53 -7.94
CA LYS A 204 -2.31 -19.31 -8.87
C LYS A 204 -2.44 -20.81 -8.61
N GLU A 205 -2.63 -21.18 -7.34
CA GLU A 205 -2.89 -22.58 -6.98
C GLU A 205 -4.21 -23.09 -7.59
N VAL A 206 -5.28 -22.29 -7.50
CA VAL A 206 -6.55 -22.72 -8.10
C VAL A 206 -6.47 -22.75 -9.63
N LYS A 207 -5.91 -21.73 -10.26
CA LYS A 207 -5.79 -21.73 -11.74
C LYS A 207 -5.02 -22.94 -12.29
N GLU A 208 -4.10 -23.50 -11.50
CA GLU A 208 -3.40 -24.74 -11.91
C GLU A 208 -4.33 -25.95 -12.05
N ILE A 209 -5.20 -26.11 -11.06
CA ILE A 209 -6.26 -27.13 -11.06
C ILE A 209 -7.21 -26.89 -12.24
N LEU A 210 -7.79 -25.69 -12.33
CA LEU A 210 -8.70 -25.36 -13.43
C LEU A 210 -8.13 -25.66 -14.83
N ALA A 211 -6.82 -25.49 -15.01
CA ALA A 211 -6.20 -25.66 -16.33
C ALA A 211 -6.21 -27.11 -16.85
N ASP A 212 -6.33 -28.07 -15.94
CA ASP A 212 -6.51 -29.47 -16.33
C ASP A 212 -7.82 -29.74 -17.04
N TYR A 213 -8.86 -29.02 -16.65
CA TYR A 213 -10.22 -29.25 -17.13
C TYR A 213 -10.54 -28.45 -18.35
N ASP A 214 -9.95 -27.25 -18.46
CA ASP A 214 -10.07 -26.45 -19.66
C ASP A 214 -8.78 -25.64 -19.79
N PRO A 215 -7.86 -26.07 -20.68
CA PRO A 215 -6.67 -25.24 -20.83
C PRO A 215 -6.99 -23.80 -21.29
N ASN A 216 -8.07 -23.59 -22.03
CA ASN A 216 -8.50 -22.25 -22.45
C ASN A 216 -9.54 -21.60 -21.53
N PHE A 217 -9.49 -21.91 -20.24
CA PHE A 217 -10.39 -21.30 -19.27
C PHE A 217 -10.14 -19.79 -19.17
N MET A 218 -11.17 -19.08 -18.74
CA MET A 218 -11.19 -17.63 -18.74
C MET A 218 -11.26 -17.16 -17.29
N ALA A 219 -10.11 -16.80 -16.73
CA ALA A 219 -10.04 -16.14 -15.42
C ALA A 219 -10.59 -14.71 -15.48
N MET A 220 -11.61 -14.45 -14.69
CA MET A 220 -12.28 -13.16 -14.66
C MET A 220 -11.76 -12.24 -13.55
N SER A 221 -11.02 -12.83 -12.61
CA SER A 221 -10.70 -12.16 -11.36
C SER A 221 -9.66 -13.09 -10.72
N LEU A 222 -9.18 -12.76 -9.54
CA LEU A 222 -8.33 -13.67 -8.80
C LEU A 222 -9.12 -14.87 -8.30
N ASP A 223 -10.39 -14.68 -7.96
CA ASP A 223 -11.17 -15.68 -7.26
C ASP A 223 -12.20 -16.41 -8.11
N GLU A 224 -12.37 -16.02 -9.36
CA GLU A 224 -13.41 -16.62 -10.19
C GLU A 224 -12.99 -16.85 -11.65
N ALA A 225 -13.63 -17.80 -12.29
CA ALA A 225 -13.29 -18.19 -13.65
C ALA A 225 -14.43 -18.94 -14.36
N TYR A 226 -14.31 -19.06 -15.67
CA TYR A 226 -15.27 -19.78 -16.49
C TYR A 226 -14.48 -20.89 -17.17
N LEU A 227 -15.11 -22.07 -17.32
CA LEU A 227 -14.53 -23.18 -18.04
C LEU A 227 -15.53 -23.74 -19.02
N ASN A 228 -15.02 -24.15 -20.19
CA ASN A 228 -15.74 -25.02 -21.08
C ASN A 228 -15.19 -26.43 -20.95
N ILE A 229 -15.91 -27.26 -20.19
CA ILE A 229 -15.49 -28.63 -19.91
C ILE A 229 -16.07 -29.66 -20.90
N THR A 230 -16.46 -29.19 -22.08
CA THR A 230 -17.07 -30.04 -23.09
C THR A 230 -16.05 -31.07 -23.60
N LYS A 231 -14.95 -30.61 -24.18
CA LYS A 231 -13.87 -31.50 -24.64
C LYS A 231 -13.37 -32.44 -23.53
N HIS A 232 -13.36 -31.96 -22.29
CA HIS A 232 -12.97 -32.79 -21.15
C HIS A 232 -13.98 -33.88 -20.83
N LEU A 233 -15.26 -33.51 -20.67
CA LEU A 233 -16.34 -34.48 -20.37
C LEU A 233 -16.39 -35.63 -21.37
N GLU A 234 -16.22 -35.28 -22.64
CA GLU A 234 -16.18 -36.23 -23.74
C GLU A 234 -15.04 -37.25 -23.56
N GLU A 235 -13.82 -36.75 -23.34
CA GLU A 235 -12.66 -37.61 -23.08
C GLU A 235 -12.87 -38.50 -21.82
N ARG A 236 -13.40 -37.88 -20.78
CA ARG A 236 -13.60 -38.53 -19.47
C ARG A 236 -14.61 -39.70 -19.45
N GLN A 237 -15.54 -39.75 -20.40
CA GLN A 237 -16.49 -40.86 -20.44
C GLN A 237 -15.75 -42.21 -20.47
N ASN A 238 -14.69 -42.27 -21.25
CA ASN A 238 -13.92 -43.49 -21.46
C ASN A 238 -12.59 -43.44 -20.72
N TRP A 239 -12.65 -43.15 -19.41
CA TRP A 239 -11.46 -43.04 -18.55
C TRP A 239 -11.52 -44.13 -17.49
N PRO A 240 -10.37 -44.80 -17.20
CA PRO A 240 -10.36 -45.70 -16.04
C PRO A 240 -10.40 -44.93 -14.72
N GLU A 241 -10.62 -45.67 -13.62
CA GLU A 241 -10.68 -45.04 -12.29
C GLU A 241 -9.36 -44.38 -11.85
N ASP A 242 -8.24 -44.82 -12.43
CA ASP A 242 -6.91 -44.28 -12.11
C ASP A 242 -6.82 -42.78 -12.39
N LYS A 243 -7.30 -42.39 -13.57
CA LYS A 243 -7.27 -40.98 -14.01
C LYS A 243 -8.35 -40.09 -13.38
N ARG A 244 -9.21 -40.66 -12.52
CA ARG A 244 -10.21 -39.90 -11.75
C ARG A 244 -10.09 -40.15 -10.24
N ARG A 245 -8.90 -40.55 -9.79
CA ARG A 245 -8.67 -40.92 -8.39
C ARG A 245 -7.77 -39.88 -7.72
N TYR A 246 -8.14 -39.49 -6.49
CA TYR A 246 -7.41 -38.49 -5.71
C TYR A 246 -7.31 -38.90 -4.24
N PHE A 247 -6.15 -38.64 -3.63
CA PHE A 247 -5.89 -39.01 -2.23
C PHE A 247 -6.20 -37.81 -1.32
N ILE A 248 -6.69 -38.09 -0.11
CA ILE A 248 -6.97 -37.04 0.89
C ILE A 248 -5.68 -36.68 1.67
N LYS A 249 -5.55 -35.39 2.03
CA LYS A 249 -4.38 -34.87 2.75
C LYS A 249 -4.76 -34.41 4.16
N ASN A 307 -5.99 -44.15 2.05
CA ASN A 307 -7.32 -43.54 1.94
C ASN A 307 -7.42 -42.62 0.69
N SER A 308 -7.89 -43.21 -0.42
CA SER A 308 -8.14 -42.47 -1.69
C SER A 308 -9.62 -42.49 -2.06
N VAL A 309 -9.97 -41.73 -3.10
CA VAL A 309 -11.38 -41.49 -3.49
C VAL A 309 -11.50 -41.28 -5.02
N VAL A 310 -12.65 -41.64 -5.60
CA VAL A 310 -12.89 -41.48 -7.06
C VAL A 310 -14.09 -40.59 -7.37
N PHE A 311 -14.08 -40.00 -8.55
CA PHE A 311 -15.18 -39.14 -9.01
C PHE A 311 -15.73 -39.68 -10.30
N GLY A 312 -17.04 -39.54 -10.45
CA GLY A 312 -17.75 -40.07 -11.59
C GLY A 312 -17.49 -39.34 -12.88
N THR A 313 -18.17 -39.81 -13.93
CA THR A 313 -17.92 -39.38 -15.28
C THR A 313 -18.84 -38.19 -15.69
N SER A 314 -19.80 -37.82 -14.83
CA SER A 314 -20.75 -36.74 -15.10
C SER A 314 -20.17 -35.34 -14.85
N ALA A 315 -20.88 -34.34 -15.34
CA ALA A 315 -20.54 -32.93 -15.12
C ALA A 315 -20.61 -32.55 -13.65
N GLN A 316 -21.66 -32.96 -12.95
CA GLN A 316 -21.75 -32.74 -11.49
C GLN A 316 -20.56 -33.32 -10.77
N GLU A 317 -20.07 -34.47 -11.25
CA GLU A 317 -18.92 -35.13 -10.65
C GLU A 317 -17.59 -34.40 -10.91
N VAL A 318 -17.39 -33.97 -12.17
CA VAL A 318 -16.21 -33.16 -12.55
C VAL A 318 -16.06 -31.97 -11.61
N VAL A 319 -17.15 -31.26 -11.39
CA VAL A 319 -17.15 -30.08 -10.53
C VAL A 319 -17.01 -30.44 -9.04
N LYS A 320 -17.47 -31.62 -8.62
CA LYS A 320 -17.18 -32.10 -7.26
C LYS A 320 -15.67 -32.39 -7.10
N GLU A 321 -15.07 -32.96 -8.15
CA GLU A 321 -13.61 -33.23 -8.17
C GLU A 321 -12.79 -31.93 -8.10
N ILE A 322 -13.10 -30.99 -8.99
CA ILE A 322 -12.49 -29.64 -8.98
C ILE A 322 -12.56 -29.00 -7.59
N ARG A 323 -13.74 -28.92 -7.03
CA ARG A 323 -13.91 -28.31 -5.73
C ARG A 323 -13.11 -29.04 -4.67
N PHE A 324 -13.12 -30.38 -4.73
CA PHE A 324 -12.37 -31.21 -3.78
C PHE A 324 -10.86 -30.86 -3.83
N ARG A 325 -10.28 -30.95 -5.04
CA ARG A 325 -8.88 -30.61 -5.31
C ARG A 325 -8.48 -29.21 -4.83
N ILE A 326 -9.35 -28.24 -5.06
CA ILE A 326 -9.14 -26.89 -4.57
C ILE A 326 -9.03 -26.92 -3.04
N GLU A 327 -9.97 -27.58 -2.38
CA GLU A 327 -9.98 -27.69 -0.92
C GLU A 327 -8.74 -28.43 -0.37
N GLN A 328 -8.30 -29.48 -1.05
CA GLN A 328 -7.08 -30.20 -0.67
C GLN A 328 -5.82 -29.35 -0.85
N LYS A 329 -5.68 -28.69 -2.00
CA LYS A 329 -4.50 -27.85 -2.28
C LYS A 329 -4.43 -26.53 -1.49
N THR A 330 -5.56 -25.89 -1.21
CA THR A 330 -5.54 -24.54 -0.62
C THR A 330 -6.19 -24.42 0.75
N THR A 331 -6.93 -25.45 1.17
CA THR A 331 -7.69 -25.42 2.43
C THR A 331 -8.82 -24.39 2.38
N LEU A 332 -9.38 -24.19 1.18
CA LEU A 332 -10.45 -23.20 0.97
C LEU A 332 -11.56 -23.75 0.07
N THR A 333 -12.78 -23.31 0.33
CA THR A 333 -13.93 -23.77 -0.45
C THR A 333 -14.27 -22.82 -1.60
N ALA A 334 -14.86 -23.38 -2.63
CA ALA A 334 -15.42 -22.62 -3.72
C ALA A 334 -16.84 -23.09 -3.98
N SER A 335 -17.61 -22.22 -4.62
CA SER A 335 -18.89 -22.61 -5.18
C SER A 335 -18.77 -22.65 -6.70
N ALA A 336 -19.75 -23.25 -7.35
CA ALA A 336 -19.69 -23.46 -8.79
C ALA A 336 -21.05 -23.57 -9.43
N GLY A 337 -21.08 -23.36 -10.75
CA GLY A 337 -22.32 -23.38 -11.51
C GLY A 337 -22.12 -24.12 -12.83
N ILE A 338 -23.04 -25.02 -13.14
CA ILE A 338 -23.00 -25.75 -14.40
C ILE A 338 -24.27 -25.44 -15.20
N ALA A 339 -24.08 -25.20 -16.51
CA ALA A 339 -25.15 -24.72 -17.38
C ALA A 339 -24.64 -24.68 -18.79
N PRO A 340 -25.57 -24.62 -19.77
CA PRO A 340 -25.16 -24.58 -21.17
C PRO A 340 -24.54 -23.27 -21.67
N ASN A 341 -24.62 -22.17 -20.88
CA ASN A 341 -23.95 -20.90 -21.22
C ASN A 341 -23.45 -20.14 -19.99
N THR A 342 -22.56 -19.18 -20.26
CA THR A 342 -21.85 -18.42 -19.22
C THR A 342 -22.77 -17.62 -18.34
N MET A 343 -23.79 -17.03 -18.94
CA MET A 343 -24.73 -16.21 -18.22
C MET A 343 -25.43 -17.02 -17.12
N LEU A 344 -25.89 -18.21 -17.51
CA LEU A 344 -26.61 -19.10 -16.59
C LEU A 344 -25.68 -19.74 -15.55
N ALA A 345 -24.55 -20.24 -16.04
CA ALA A 345 -23.50 -20.82 -15.18
C ALA A 345 -23.12 -19.87 -14.04
N LYS A 346 -22.96 -18.60 -14.37
CA LYS A 346 -22.65 -17.58 -13.38
C LYS A 346 -23.75 -17.39 -12.32
N VAL A 347 -25.01 -17.46 -12.73
CA VAL A 347 -26.10 -17.34 -11.77
C VAL A 347 -26.21 -18.58 -10.85
N CYS A 348 -26.01 -19.78 -11.40
CA CYS A 348 -26.09 -20.98 -10.56
C CYS A 348 -24.99 -20.97 -9.50
N SER A 349 -23.78 -20.59 -9.88
CA SER A 349 -22.68 -20.53 -8.91
C SER A 349 -23.00 -19.75 -7.64
N ASP A 350 -23.86 -18.74 -7.77
CA ASP A 350 -24.32 -17.96 -6.63
C ASP A 350 -25.40 -18.68 -5.81
N LYS A 351 -26.18 -19.55 -6.46
CA LYS A 351 -27.35 -20.18 -5.83
C LYS A 351 -27.06 -20.93 -4.53
N ASN A 352 -26.16 -21.92 -4.59
CA ASN A 352 -25.76 -22.74 -3.42
C ASN A 352 -24.43 -22.30 -2.79
N LYS A 353 -24.15 -21.01 -2.81
CA LYS A 353 -22.94 -20.43 -2.25
C LYS A 353 -23.23 -20.20 -0.75
N PRO A 354 -22.32 -20.52 0.18
CA PRO A 354 -20.97 -21.01 -0.05
C PRO A 354 -20.86 -22.50 -0.11
N ASN A 355 -19.80 -22.99 -0.69
CA ASN A 355 -19.46 -24.39 -0.67
C ASN A 355 -20.60 -25.27 -1.16
N GLY A 356 -21.17 -24.90 -2.30
CA GLY A 356 -22.08 -25.79 -3.03
C GLY A 356 -21.96 -25.61 -4.52
N GLN A 357 -22.75 -26.37 -5.27
CA GLN A 357 -22.81 -26.24 -6.73
C GLN A 357 -24.24 -26.43 -7.20
N TYR A 358 -24.50 -26.08 -8.47
CA TYR A 358 -25.83 -26.21 -9.07
C TYR A 358 -25.71 -26.41 -10.58
N GLN A 359 -26.45 -27.40 -11.10
CA GLN A 359 -26.57 -27.62 -12.55
C GLN A 359 -27.98 -27.32 -13.12
N ILE A 360 -27.99 -26.60 -14.24
CA ILE A 360 -29.15 -26.51 -15.11
C ILE A 360 -28.82 -27.49 -16.22
N LEU A 361 -29.66 -28.52 -16.40
CA LEU A 361 -29.36 -29.58 -17.36
C LEU A 361 -29.53 -29.05 -18.77
N PRO A 362 -28.82 -29.63 -19.75
CA PRO A 362 -28.89 -29.08 -21.11
C PRO A 362 -30.17 -29.47 -21.90
N ASN A 363 -31.32 -29.04 -21.41
CA ASN A 363 -32.58 -29.12 -22.17
C ASN A 363 -33.35 -27.81 -22.01
N ARG A 364 -34.03 -27.39 -23.08
CA ARG A 364 -34.73 -26.10 -23.11
C ARG A 364 -35.67 -25.89 -21.92
N GLN A 365 -36.36 -26.94 -21.49
CA GLN A 365 -37.35 -26.82 -20.44
C GLN A 365 -36.74 -26.46 -19.06
N ALA A 366 -35.59 -27.06 -18.74
CA ALA A 366 -34.89 -26.75 -17.49
C ALA A 366 -34.35 -25.31 -17.46
N VAL A 367 -33.88 -24.83 -18.62
CA VAL A 367 -33.47 -23.42 -18.76
C VAL A 367 -34.65 -22.51 -18.39
N MET A 368 -35.78 -22.68 -19.09
CA MET A 368 -36.99 -21.88 -18.84
C MET A 368 -37.57 -22.01 -17.44
N ASP A 369 -37.51 -23.22 -16.88
CA ASP A 369 -37.97 -23.43 -15.49
C ASP A 369 -37.11 -22.62 -14.50
N PHE A 370 -35.80 -22.59 -14.74
CA PHE A 370 -34.85 -21.82 -13.91
C PHE A 370 -35.11 -20.32 -14.01
N ILE A 371 -35.12 -19.84 -15.25
CA ILE A 371 -35.41 -18.44 -15.62
C ILE A 371 -36.74 -17.96 -15.03
N LYS A 372 -37.81 -18.74 -15.21
CA LYS A 372 -39.18 -18.34 -14.87
C LYS A 372 -39.28 -17.27 -13.77
N ASP A 373 -38.86 -17.60 -12.55
CA ASP A 373 -39.00 -16.70 -11.39
C ASP A 373 -37.70 -16.04 -10.93
N LEU A 374 -36.69 -16.05 -11.82
CA LEU A 374 -35.37 -15.49 -11.54
C LEU A 374 -35.38 -13.97 -11.55
N PRO A 375 -35.11 -13.34 -10.40
CA PRO A 375 -35.06 -11.88 -10.44
C PRO A 375 -33.95 -11.41 -11.37
N ILE A 376 -34.24 -10.40 -12.19
CA ILE A 376 -33.27 -9.91 -13.19
C ILE A 376 -31.94 -9.45 -12.58
N ARG A 377 -31.99 -8.94 -11.34
CA ARG A 377 -30.82 -8.49 -10.57
C ARG A 377 -29.68 -9.54 -10.42
N LYS A 378 -30.05 -10.81 -10.25
CA LYS A 378 -29.06 -11.88 -10.08
C LYS A 378 -28.23 -12.14 -11.36
N VAL A 379 -28.69 -11.60 -12.49
CA VAL A 379 -27.93 -11.67 -13.73
C VAL A 379 -26.74 -10.72 -13.66
N SER A 380 -25.59 -11.20 -14.12
CA SER A 380 -24.36 -10.39 -14.21
C SER A 380 -24.56 -9.41 -15.34
N GLY A 381 -24.43 -8.12 -15.01
CA GLY A 381 -24.68 -7.02 -15.95
C GLY A 381 -25.87 -6.13 -15.59
N ILE A 382 -26.83 -6.69 -14.83
CA ILE A 382 -27.95 -5.94 -14.27
C ILE A 382 -27.59 -5.55 -12.85
N GLY A 383 -27.39 -4.26 -12.60
CA GLY A 383 -27.06 -3.74 -11.28
C GLY A 383 -28.22 -2.97 -10.70
N LYS A 384 -27.93 -2.16 -9.68
CA LYS A 384 -28.96 -1.50 -8.88
C LYS A 384 -29.82 -0.57 -9.75
N VAL A 385 -29.15 0.19 -10.63
CA VAL A 385 -29.85 1.22 -11.39
C VAL A 385 -30.79 0.60 -12.42
N THR A 386 -30.30 -0.32 -13.22
CA THR A 386 -31.16 -1.04 -14.17
C THR A 386 -32.30 -1.78 -13.45
N GLU A 387 -32.02 -2.33 -12.26
CA GLU A 387 -33.07 -2.96 -11.40
C GLU A 387 -34.20 -1.96 -11.12
N LYS A 388 -33.87 -0.81 -10.54
CA LYS A 388 -34.85 0.24 -10.18
C LYS A 388 -35.68 0.74 -11.37
N MET A 389 -35.01 1.00 -12.48
CA MET A 389 -35.66 1.48 -13.69
C MET A 389 -36.67 0.45 -14.20
N LEU A 390 -36.21 -0.78 -14.39
CA LEU A 390 -37.08 -1.85 -14.87
C LEU A 390 -38.19 -2.20 -13.85
N LYS A 391 -37.90 -2.05 -12.55
CA LYS A 391 -38.91 -2.21 -11.51
C LYS A 391 -40.07 -1.23 -11.71
N ALA A 392 -39.73 0.04 -12.00
CA ALA A 392 -40.75 1.07 -12.31
C ALA A 392 -41.69 0.70 -13.47
N LEU A 393 -41.20 -0.11 -14.43
CA LEU A 393 -42.05 -0.67 -15.49
C LEU A 393 -42.74 -1.99 -15.10
N GLY A 394 -42.84 -2.31 -13.80
CA GLY A 394 -43.35 -3.61 -13.34
C GLY A 394 -42.54 -4.84 -13.77
N ILE A 395 -41.22 -4.67 -13.96
CA ILE A 395 -40.32 -5.78 -14.29
C ILE A 395 -39.41 -6.09 -13.11
N ILE A 396 -39.62 -7.28 -12.55
CA ILE A 396 -38.77 -7.83 -11.51
C ILE A 396 -38.18 -9.20 -11.92
N THR A 397 -38.97 -10.09 -12.52
CA THR A 397 -38.49 -11.42 -12.92
C THR A 397 -38.15 -11.47 -14.40
N CYS A 398 -37.49 -12.53 -14.81
CA CYS A 398 -37.08 -12.70 -16.21
C CYS A 398 -38.24 -13.00 -17.15
N THR A 399 -39.35 -13.52 -16.64
CA THR A 399 -40.54 -13.75 -17.49
C THR A 399 -41.18 -12.39 -17.79
N GLU A 400 -41.34 -11.58 -16.75
CA GLU A 400 -41.81 -10.21 -16.90
C GLU A 400 -40.95 -9.45 -17.92
N LEU A 401 -39.64 -9.69 -17.90
CA LEU A 401 -38.72 -9.11 -18.90
C LEU A 401 -39.08 -9.55 -20.32
N TYR A 402 -39.44 -10.83 -20.49
CA TYR A 402 -39.89 -11.34 -21.80
C TYR A 402 -41.21 -10.72 -22.28
N GLN A 403 -42.16 -10.61 -21.35
CA GLN A 403 -43.47 -10.06 -21.65
C GLN A 403 -43.42 -8.64 -22.19
N GLN A 404 -42.55 -7.82 -21.60
CA GLN A 404 -42.42 -6.41 -21.97
C GLN A 404 -41.42 -6.15 -23.13
N ARG A 405 -41.02 -7.21 -23.83
CA ARG A 405 -39.97 -7.09 -24.86
C ARG A 405 -40.21 -6.04 -25.94
N ALA A 406 -41.47 -5.84 -26.31
CA ALA A 406 -41.85 -4.79 -27.27
C ALA A 406 -41.66 -3.37 -26.68
N LEU A 407 -42.26 -3.13 -25.51
CA LEU A 407 -42.10 -1.86 -24.78
C LEU A 407 -40.62 -1.48 -24.61
N LEU A 408 -39.82 -2.49 -24.25
CA LEU A 408 -38.38 -2.32 -24.02
C LEU A 408 -37.63 -2.00 -25.30
N SER A 409 -38.14 -2.46 -26.44
CA SER A 409 -37.49 -2.15 -27.74
C SER A 409 -37.70 -0.70 -28.18
N LEU A 410 -38.63 -0.02 -27.53
CA LEU A 410 -38.87 1.41 -27.75
C LEU A 410 -38.21 2.31 -26.68
N LEU A 411 -38.33 1.95 -25.40
CA LEU A 411 -37.71 2.75 -24.31
C LEU A 411 -36.19 2.66 -24.19
N PHE A 412 -35.58 1.59 -24.70
CA PHE A 412 -34.13 1.38 -24.58
C PHE A 412 -33.49 1.18 -25.94
N SER A 413 -32.17 1.33 -25.95
CA SER A 413 -31.43 1.24 -27.19
C SER A 413 -31.39 -0.18 -27.71
N GLU A 414 -30.94 -0.32 -28.95
CA GLU A 414 -30.87 -1.61 -29.60
C GLU A 414 -30.00 -2.61 -28.82
N THR A 415 -28.79 -2.19 -28.51
CA THR A 415 -27.88 -3.02 -27.72
C THR A 415 -28.49 -3.45 -26.38
N SER A 416 -29.16 -2.52 -25.69
CA SER A 416 -29.79 -2.85 -24.40
C SER A 416 -30.90 -3.91 -24.49
N TRP A 417 -31.88 -3.72 -25.37
CA TRP A 417 -33.00 -4.65 -25.42
C TRP A 417 -32.57 -5.98 -26.05
N HIS A 418 -31.61 -5.95 -26.99
CA HIS A 418 -30.94 -7.17 -27.48
C HIS A 418 -30.39 -8.00 -26.33
N TYR A 419 -29.70 -7.31 -25.42
CA TYR A 419 -29.19 -7.92 -24.22
C TYR A 419 -30.35 -8.45 -23.36
N PHE A 420 -31.35 -7.60 -23.08
CA PHE A 420 -32.47 -8.01 -22.24
C PHE A 420 -33.20 -9.24 -22.79
N LEU A 421 -33.32 -9.33 -24.10
CA LEU A 421 -34.01 -10.46 -24.74
C LEU A 421 -33.20 -11.74 -24.59
N HIS A 422 -31.88 -11.65 -24.79
CA HIS A 422 -30.98 -12.78 -24.52
C HIS A 422 -31.19 -13.34 -23.11
N ILE A 423 -31.31 -12.46 -22.11
CA ILE A 423 -31.56 -12.87 -20.72
C ILE A 423 -32.92 -13.53 -20.52
N SER A 424 -33.95 -12.92 -21.11
CA SER A 424 -35.33 -13.38 -20.97
C SER A 424 -35.51 -14.78 -21.58
N LEU A 425 -34.76 -15.08 -22.64
CA LEU A 425 -34.69 -16.42 -23.25
C LEU A 425 -33.57 -17.34 -22.68
N GLY A 426 -33.05 -17.02 -21.49
CA GLY A 426 -31.93 -17.74 -20.88
C GLY A 426 -30.71 -18.04 -21.75
N LEU A 427 -30.42 -17.18 -22.72
CA LEU A 427 -29.29 -17.39 -23.64
C LEU A 427 -28.05 -16.69 -23.13
N GLY A 428 -26.92 -16.99 -23.74
CA GLY A 428 -25.64 -16.41 -23.34
C GLY A 428 -24.51 -17.03 -24.13
N SER A 429 -23.27 -16.69 -23.77
CA SER A 429 -22.10 -17.21 -24.50
C SER A 429 -21.89 -18.69 -24.26
N THR A 430 -21.59 -19.41 -25.34
CA THR A 430 -21.35 -20.83 -25.31
C THR A 430 -19.90 -21.20 -25.64
N HIS A 431 -19.09 -20.22 -26.02
CA HIS A 431 -17.64 -20.42 -26.20
C HIS A 431 -16.89 -19.28 -25.49
N LEU A 432 -15.72 -19.58 -24.95
CA LEU A 432 -14.95 -18.61 -24.21
C LEU A 432 -13.88 -18.02 -25.11
N THR A 433 -13.90 -16.70 -25.30
CA THR A 433 -12.84 -16.01 -26.06
C THR A 433 -11.61 -15.80 -25.17
N ARG A 434 -10.42 -15.96 -25.78
CA ARG A 434 -9.15 -15.59 -25.14
C ARG A 434 -9.23 -14.14 -24.67
N ASP A 435 -8.65 -13.86 -23.50
CA ASP A 435 -8.72 -12.52 -22.91
C ASP A 435 -8.00 -11.50 -23.79
N GLY A 436 -8.78 -10.58 -24.39
CA GLY A 436 -8.26 -9.56 -25.32
C GLY A 436 -7.30 -8.58 -24.67
N GLU A 437 -6.61 -7.79 -25.49
CA GLU A 437 -5.64 -6.80 -24.97
C GLU A 437 -6.38 -5.71 -24.22
N ARG A 438 -5.68 -5.10 -23.25
CA ARG A 438 -6.26 -4.02 -22.47
C ARG A 438 -6.38 -2.75 -23.32
N LYS A 439 -7.34 -1.91 -22.94
CA LYS A 439 -7.67 -0.68 -23.64
C LYS A 439 -7.28 0.57 -22.84
N SER A 440 -7.00 0.42 -21.54
CA SER A 440 -6.59 1.54 -20.72
C SER A 440 -5.81 1.10 -19.47
N MET A 441 -4.96 2.01 -18.99
CA MET A 441 -4.25 1.84 -17.73
C MET A 441 -4.34 3.12 -16.93
N SER A 442 -4.60 2.98 -15.64
CA SER A 442 -4.81 4.15 -14.79
C SER A 442 -4.35 3.90 -13.38
N VAL A 443 -4.10 5.00 -12.70
CA VAL A 443 -3.75 4.97 -11.31
C VAL A 443 -4.45 6.13 -10.65
N GLU A 444 -4.94 5.89 -9.43
CA GLU A 444 -5.62 6.91 -8.64
C GLU A 444 -5.47 6.65 -7.17
N ARG A 445 -5.57 7.71 -6.38
CA ARG A 445 -5.28 7.66 -4.97
C ARG A 445 -6.18 8.63 -4.19
N THR A 446 -6.70 8.17 -3.07
CA THR A 446 -7.49 8.96 -2.14
C THR A 446 -6.59 9.38 -0.99
N PHE A 447 -6.75 10.61 -0.53
CA PHE A 447 -5.91 11.18 0.54
C PHE A 447 -6.68 12.18 1.38
N SER A 448 -6.11 12.50 2.53
CA SER A 448 -6.56 13.65 3.27
C SER A 448 -6.44 14.90 2.39
N GLU A 449 -7.30 15.88 2.63
CA GLU A 449 -7.47 17.01 1.74
C GLU A 449 -6.15 17.64 1.25
N ILE A 450 -6.10 17.92 -0.05
CA ILE A 450 -5.03 18.68 -0.65
C ILE A 450 -5.69 19.89 -1.31
N ASN A 451 -5.29 21.08 -0.89
CA ASN A 451 -5.79 22.33 -1.48
C ASN A 451 -4.74 23.27 -2.04
N LYS A 452 -3.48 23.10 -1.68
CA LYS A 452 -2.41 23.93 -2.24
C LYS A 452 -2.04 23.48 -3.65
N ALA A 453 -2.22 24.38 -4.61
CA ALA A 453 -1.92 24.13 -6.00
C ALA A 453 -0.57 23.40 -6.22
N GLU A 454 0.49 23.86 -5.57
CA GLU A 454 1.82 23.28 -5.80
C GLU A 454 1.87 21.80 -5.39
N GLU A 455 1.18 21.47 -4.30
CA GLU A 455 1.10 20.09 -3.87
C GLU A 455 0.28 19.24 -4.85
N GLN A 456 -0.78 19.84 -5.42
CA GLN A 456 -1.62 19.16 -6.42
C GLN A 456 -0.85 18.84 -7.69
N TYR A 457 -0.03 19.77 -8.17
CA TYR A 457 0.81 19.50 -9.33
C TYR A 457 1.79 18.38 -9.04
N SER A 458 2.36 18.41 -7.84
CA SER A 458 3.36 17.41 -7.46
C SER A 458 2.72 16.07 -7.36
N LEU A 459 1.50 16.02 -6.84
CA LEU A 459 0.76 14.77 -6.75
C LEU A 459 0.51 14.22 -8.16
N CYS A 460 0.08 15.09 -9.07
CA CYS A 460 -0.17 14.69 -10.45
C CYS A 460 1.09 14.12 -11.10
N GLN A 461 2.21 14.77 -10.87
CA GLN A 461 3.51 14.31 -11.37
C GLN A 461 3.84 12.92 -10.85
N GLU A 462 3.63 12.72 -9.55
CA GLU A 462 3.89 11.42 -8.90
C GLU A 462 2.99 10.33 -9.51
N LEU A 463 1.69 10.61 -9.68
CA LEU A 463 0.78 9.70 -10.36
C LEU A 463 1.22 9.40 -11.80
N CYS A 464 1.63 10.44 -12.52
CA CYS A 464 2.15 10.25 -13.87
C CYS A 464 3.36 9.33 -13.92
N SER A 465 4.26 9.42 -12.93
CA SER A 465 5.42 8.50 -12.84
C SER A 465 5.03 7.06 -12.59
N GLU A 466 4.16 6.86 -11.60
CA GLU A 466 3.68 5.53 -11.27
C GLU A 466 3.08 4.88 -12.48
N LEU A 467 2.20 5.62 -13.17
CA LEU A 467 1.55 5.12 -14.38
C LEU A 467 2.55 4.78 -15.50
N ALA A 468 3.55 5.65 -15.70
CA ALA A 468 4.62 5.40 -16.68
C ALA A 468 5.37 4.11 -16.38
N GLN A 469 5.66 3.89 -15.09
CA GLN A 469 6.32 2.67 -14.63
C GLN A 469 5.45 1.41 -14.91
N ASP A 470 4.14 1.50 -14.67
CA ASP A 470 3.20 0.41 -14.95
C ASP A 470 3.06 0.13 -16.44
N LEU A 471 3.05 1.18 -17.27
CA LEU A 471 3.05 1.04 -18.72
C LEU A 471 4.31 0.38 -19.23
N GLN A 472 5.44 0.69 -18.60
CA GLN A 472 6.74 0.14 -18.99
C GLN A 472 6.75 -1.39 -18.90
N LYS A 473 6.14 -1.91 -17.85
CA LYS A 473 6.05 -3.36 -17.64
C LYS A 473 5.39 -4.10 -18.82
N GLU A 474 4.30 -3.55 -19.33
CA GLU A 474 3.59 -4.17 -20.44
C GLU A 474 3.90 -3.55 -21.80
N ARG A 475 4.91 -2.68 -21.85
CA ARG A 475 5.40 -2.01 -23.06
C ARG A 475 4.25 -1.40 -23.83
N LEU A 476 3.52 -0.51 -23.15
CA LEU A 476 2.34 0.14 -23.71
C LEU A 476 2.53 1.64 -23.83
N LYS A 477 1.87 2.18 -24.86
CA LYS A 477 1.93 3.59 -25.21
C LYS A 477 0.54 4.01 -25.66
N GLY A 478 0.18 5.27 -25.40
CA GLY A 478 -1.16 5.74 -25.74
C GLY A 478 -1.22 7.20 -26.15
N ARG A 479 -2.33 7.57 -26.78
CA ARG A 479 -2.57 8.91 -27.30
C ARG A 479 -3.54 9.77 -26.48
N THR A 480 -4.24 9.19 -25.52
CA THR A 480 -5.22 9.96 -24.72
C THR A 480 -4.83 9.88 -23.26
N VAL A 481 -4.78 11.05 -22.62
CA VAL A 481 -4.48 11.17 -21.20
C VAL A 481 -5.67 11.83 -20.56
N THR A 482 -6.17 11.20 -19.50
CA THR A 482 -7.31 11.71 -18.75
C THR A 482 -6.95 11.85 -17.31
N ILE A 483 -7.25 12.99 -16.70
CA ILE A 483 -7.12 13.15 -15.26
C ILE A 483 -8.48 13.01 -14.60
N LYS A 484 -8.48 12.65 -13.33
CA LYS A 484 -9.70 12.42 -12.57
C LYS A 484 -9.55 13.17 -11.26
N LEU A 485 -10.60 13.88 -10.87
CA LEU A 485 -10.56 14.77 -9.71
C LEU A 485 -11.84 14.63 -8.90
N LYS A 486 -11.69 14.26 -7.63
CA LYS A 486 -12.82 14.16 -6.74
C LYS A 486 -12.59 15.16 -5.62
N ASN A 487 -13.48 16.14 -5.50
CA ASN A 487 -13.39 17.13 -4.42
C ASN A 487 -13.93 16.58 -3.09
N VAL A 488 -13.76 17.35 -2.01
CA VAL A 488 -14.14 16.87 -0.67
C VAL A 488 -15.63 16.63 -0.48
N ASN A 489 -16.46 17.14 -1.40
CA ASN A 489 -17.89 16.83 -1.43
C ASN A 489 -18.25 15.64 -2.33
N PHE A 490 -17.23 14.88 -2.76
CA PHE A 490 -17.38 13.65 -3.55
C PHE A 490 -17.87 13.84 -5.00
N GLU A 491 -17.78 15.07 -5.49
CA GLU A 491 -18.12 15.36 -6.87
C GLU A 491 -16.91 15.06 -7.73
N VAL A 492 -17.10 14.22 -8.76
CA VAL A 492 -16.02 13.75 -9.60
C VAL A 492 -16.05 14.45 -10.94
N LYS A 493 -14.88 14.88 -11.40
CA LYS A 493 -14.67 15.40 -12.76
C LYS A 493 -13.57 14.60 -13.46
N THR A 494 -13.73 14.35 -14.76
CA THR A 494 -12.63 13.89 -15.59
C THR A 494 -12.38 14.89 -16.69
N ARG A 495 -11.10 15.08 -17.03
CA ARG A 495 -10.69 15.99 -18.09
C ARG A 495 -9.63 15.33 -18.93
N ALA A 496 -9.88 15.25 -20.22
CA ALA A 496 -9.07 14.42 -21.11
C ALA A 496 -8.47 15.26 -22.19
N SER A 497 -7.53 14.65 -22.90
CA SER A 497 -6.87 15.27 -24.01
C SER A 497 -6.24 14.18 -24.85
N THR A 498 -6.40 14.28 -26.16
CA THR A 498 -5.83 13.34 -27.12
C THR A 498 -4.81 14.02 -28.04
N VAL A 499 -3.77 13.27 -28.38
CA VAL A 499 -2.54 13.78 -28.98
C VAL A 499 -2.26 12.97 -30.23
N SER A 500 -1.50 13.53 -31.17
CA SER A 500 -1.23 12.90 -32.47
C SER A 500 -0.39 11.64 -32.34
N SER A 501 0.77 11.75 -31.68
CA SER A 501 1.69 10.61 -31.53
C SER A 501 1.58 10.00 -30.12
N VAL A 502 1.84 8.70 -30.03
CA VAL A 502 1.69 7.98 -28.74
C VAL A 502 2.74 8.48 -27.73
N VAL A 503 2.36 8.47 -26.45
CA VAL A 503 3.23 8.83 -25.33
C VAL A 503 3.30 7.70 -24.29
N SER A 504 4.28 7.80 -23.39
CA SER A 504 4.54 6.77 -22.37
C SER A 504 5.48 7.11 -21.20
N THR A 505 6.33 8.14 -21.34
CA THR A 505 7.26 8.49 -20.27
C THR A 505 6.56 9.36 -19.25
N ALA A 506 7.09 9.35 -18.03
CA ALA A 506 6.54 10.19 -16.97
C ALA A 506 6.45 11.67 -17.37
N GLU A 507 7.40 12.12 -18.18
CA GLU A 507 7.51 13.53 -18.54
C GLU A 507 6.40 13.87 -19.53
N GLU A 508 6.26 13.04 -20.56
CA GLU A 508 5.25 13.22 -21.61
C GLU A 508 3.82 13.21 -21.04
N ILE A 509 3.55 12.25 -20.17
CA ILE A 509 2.23 12.12 -19.57
C ILE A 509 1.96 13.33 -18.69
N PHE A 510 2.95 13.71 -17.89
CA PHE A 510 2.82 14.89 -17.05
C PHE A 510 2.70 16.17 -17.87
N ALA A 511 3.42 16.24 -18.98
CA ALA A 511 3.31 17.42 -19.86
C ALA A 511 1.85 17.69 -20.18
N ILE A 512 1.10 16.63 -20.51
CA ILE A 512 -0.35 16.71 -20.84
C ILE A 512 -1.24 16.90 -19.62
N ALA A 513 -1.05 16.07 -18.60
CA ALA A 513 -1.90 16.06 -17.40
C ALA A 513 -1.80 17.37 -16.63
N LYS A 514 -0.58 17.89 -16.54
CA LYS A 514 -0.27 19.22 -15.96
C LYS A 514 -1.21 20.35 -16.47
N GLU A 515 -1.34 20.45 -17.80
CA GLU A 515 -2.23 21.47 -18.44
C GLU A 515 -3.73 21.27 -18.17
N LEU A 516 -4.16 20.01 -18.14
CA LEU A 516 -5.54 19.69 -17.77
C LEU A 516 -5.86 20.10 -16.34
N LEU A 517 -4.89 19.90 -15.44
CA LEU A 517 -5.01 20.33 -14.05
C LEU A 517 -4.96 21.85 -13.92
N LYS A 518 -4.07 22.50 -14.69
CA LYS A 518 -4.00 23.98 -14.72
C LYS A 518 -5.37 24.56 -15.07
N THR A 519 -5.96 24.04 -16.14
CA THR A 519 -7.29 24.49 -16.56
C THR A 519 -8.32 24.43 -15.42
N GLU A 520 -8.34 23.35 -14.65
CA GLU A 520 -9.30 23.22 -13.54
C GLU A 520 -9.00 24.15 -12.35
N ILE A 521 -7.72 24.33 -12.04
CA ILE A 521 -7.30 25.23 -10.96
C ILE A 521 -7.70 26.67 -11.30
N ASP A 522 -7.38 27.10 -12.52
CA ASP A 522 -7.76 28.43 -13.05
C ASP A 522 -9.28 28.64 -13.01
N ALA A 523 -10.04 27.68 -13.51
CA ALA A 523 -11.50 27.79 -13.55
C ALA A 523 -12.19 28.13 -12.23
N ASP A 524 -11.60 27.72 -11.10
CA ASP A 524 -12.20 28.02 -9.79
C ASP A 524 -11.57 29.21 -9.06
N PHE A 525 -10.47 29.74 -9.62
CA PHE A 525 -9.78 30.92 -9.06
C PHE A 525 -10.78 32.05 -8.77
N PRO A 526 -10.69 32.70 -7.61
CA PRO A 526 -9.64 32.55 -6.61
C PRO A 526 -9.86 31.41 -5.59
N HIS A 527 -10.94 30.64 -5.72
CA HIS A 527 -11.17 29.47 -4.85
C HIS A 527 -10.14 28.36 -5.16
N PRO A 528 -9.63 27.67 -4.12
CA PRO A 528 -8.74 26.54 -4.38
C PRO A 528 -9.55 25.26 -4.59
N LEU A 529 -9.07 24.36 -5.44
CA LEU A 529 -9.61 23.00 -5.50
C LEU A 529 -9.31 22.32 -4.18
N ARG A 530 -10.34 21.80 -3.51
CA ARG A 530 -10.18 21.07 -2.28
C ARG A 530 -10.45 19.63 -2.63
N LEU A 531 -9.41 18.88 -2.98
CA LEU A 531 -9.65 17.53 -3.45
C LEU A 531 -9.22 16.43 -2.49
N ARG A 532 -9.95 15.32 -2.57
CA ARG A 532 -9.73 14.12 -1.77
C ARG A 532 -9.18 12.94 -2.59
N LEU A 533 -9.17 13.08 -3.92
CA LEU A 533 -8.62 12.05 -4.79
C LEU A 533 -8.13 12.65 -6.08
N MET A 534 -7.12 12.03 -6.66
CA MET A 534 -6.65 12.41 -8.00
C MET A 534 -6.17 11.18 -8.73
N GLY A 535 -6.44 11.17 -10.03
CA GLY A 535 -6.07 10.05 -10.88
C GLY A 535 -5.56 10.50 -12.23
N VAL A 536 -4.81 9.61 -12.87
CA VAL A 536 -4.39 9.81 -14.22
C VAL A 536 -4.61 8.48 -14.93
N ARG A 537 -5.22 8.53 -16.10
CA ARG A 537 -5.47 7.35 -16.93
C ARG A 537 -4.86 7.61 -18.31
N ILE A 538 -4.35 6.57 -18.94
CA ILE A 538 -3.95 6.63 -20.34
C ILE A 538 -4.71 5.58 -21.14
N SER A 539 -5.07 5.93 -22.38
CA SER A 539 -5.91 5.11 -23.26
C SER A 539 -5.58 5.40 -24.73
N SER A 540 -6.35 4.83 -25.66
CA SER A 540 -6.11 4.98 -27.09
C SER A 540 -4.76 4.36 -27.44
N PHE A 541 -4.65 3.06 -27.14
CA PHE A 541 -3.48 2.29 -27.50
C PHE A 541 -3.52 1.99 -29.00
N PRO A 542 -2.36 1.70 -29.63
CA PRO A 542 -2.34 1.29 -31.04
C PRO A 542 -3.01 -0.06 -31.29
N ASN A 543 -3.09 -0.48 -32.55
CA ASN A 543 -3.66 -1.78 -32.95
C ASN A 543 -2.59 -2.69 -33.58
N LEU B 56 0.83 10.35 31.12
CA LEU B 56 1.40 9.08 31.68
C LEU B 56 2.88 9.24 32.13
N ASP B 57 3.24 8.55 33.24
CA ASP B 57 4.57 8.65 33.88
C ASP B 57 5.54 7.63 33.26
N LYS B 58 6.82 7.99 33.20
CA LYS B 58 7.87 7.11 32.65
C LYS B 58 7.88 5.67 33.24
N GLU B 59 7.40 5.51 34.48
CA GLU B 59 7.22 4.20 35.09
C GLU B 59 5.94 3.52 34.61
N LYS B 60 4.84 4.26 34.56
CA LYS B 60 3.52 3.70 34.17
C LYS B 60 3.49 3.18 32.72
N ILE B 61 4.20 3.89 31.83
CA ILE B 61 4.30 3.53 30.40
C ILE B 61 4.88 2.12 30.25
N ASN B 62 6.09 1.91 30.76
CA ASN B 62 6.76 0.59 30.77
C ASN B 62 5.94 -0.53 31.36
N LYS B 63 5.17 -0.21 32.39
CA LYS B 63 4.25 -1.17 33.00
C LYS B 63 3.19 -1.63 32.01
N ILE B 64 2.57 -0.69 31.29
CA ILE B 64 1.47 -1.01 30.35
C ILE B 64 1.99 -1.75 29.11
N ILE B 65 3.19 -1.37 28.63
CA ILE B 65 3.85 -2.07 27.51
C ILE B 65 4.21 -3.51 27.91
N MET B 66 5.06 -3.67 28.94
CA MET B 66 5.45 -5.00 29.47
C MET B 66 4.22 -5.88 29.66
N GLU B 67 3.14 -5.30 30.20
CA GLU B 67 1.85 -6.00 30.38
C GLU B 67 1.29 -6.49 29.04
N ALA B 68 1.23 -5.59 28.07
CA ALA B 68 0.68 -5.90 26.74
C ALA B 68 1.58 -6.79 25.88
N THR B 69 2.89 -6.73 26.13
CA THR B 69 3.86 -7.50 25.34
C THR B 69 4.22 -8.88 25.90
N LYS B 70 4.10 -9.08 27.22
CA LYS B 70 4.57 -10.32 27.88
C LYS B 70 3.97 -11.57 27.27
N GLY B 71 4.80 -12.58 27.03
CA GLY B 71 4.36 -13.85 26.49
C GLY B 71 3.99 -13.94 25.02
N SER B 72 4.24 -12.88 24.23
CA SER B 72 4.08 -12.94 22.77
C SER B 72 5.34 -13.49 22.14
N ARG B 73 5.24 -14.00 20.92
CA ARG B 73 6.43 -14.50 20.20
C ARG B 73 7.42 -13.40 19.90
N PHE B 74 6.91 -12.20 19.62
CA PHE B 74 7.76 -11.01 19.47
C PHE B 74 8.65 -10.78 20.71
N TYR B 75 8.04 -10.91 21.89
CA TYR B 75 8.75 -10.71 23.15
C TYR B 75 9.79 -11.80 23.42
N GLY B 76 9.44 -13.04 23.09
CA GLY B 76 10.39 -14.13 23.10
C GLY B 76 11.66 -13.80 22.32
N ASN B 77 11.49 -13.34 21.09
CA ASN B 77 12.61 -12.96 20.22
C ASN B 77 13.40 -11.76 20.77
N GLU B 78 12.70 -10.80 21.37
CA GLU B 78 13.39 -9.65 22.00
C GLU B 78 14.31 -10.10 23.14
N LEU B 79 13.82 -10.95 24.03
CA LEU B 79 14.67 -11.52 25.10
C LEU B 79 15.92 -12.17 24.53
N LYS B 80 15.76 -12.98 23.48
CA LYS B 80 16.87 -13.65 22.79
C LYS B 80 17.87 -12.65 22.20
N LYS B 81 17.37 -11.51 21.74
CA LYS B 81 18.21 -10.45 21.20
C LYS B 81 18.98 -9.74 22.33
N GLU B 82 18.28 -9.50 23.45
CA GLU B 82 18.87 -8.83 24.62
C GLU B 82 19.95 -9.68 25.31
N LYS B 83 19.77 -11.01 25.32
CA LYS B 83 20.80 -11.94 25.79
C LYS B 83 22.04 -11.94 24.91
N GLN B 84 21.85 -11.94 23.59
CA GLN B 84 22.99 -11.88 22.66
C GLN B 84 23.81 -10.59 22.85
N VAL B 85 23.16 -9.50 23.27
CA VAL B 85 23.86 -8.23 23.50
C VAL B 85 24.66 -8.30 24.81
N ASN B 86 23.98 -8.72 25.89
CA ASN B 86 24.62 -9.00 27.19
C ASN B 86 25.86 -9.89 27.08
N GLN B 87 25.75 -10.97 26.29
CA GLN B 87 26.86 -11.88 26.04
C GLN B 87 27.99 -11.14 25.34
N ARG B 88 27.65 -10.36 24.34
CA ARG B 88 28.63 -9.56 23.62
C ARG B 88 29.32 -8.52 24.54
N ILE B 89 28.59 -8.00 25.53
CA ILE B 89 29.15 -7.15 26.59
C ILE B 89 30.09 -7.94 27.48
N GLU B 90 29.58 -9.03 28.08
CA GLU B 90 30.38 -9.88 28.94
C GLU B 90 31.72 -10.21 28.27
N ASN B 91 31.69 -10.64 27.01
CA ASN B 91 32.92 -10.91 26.25
C ASN B 91 33.87 -9.72 26.22
N MET B 92 33.34 -8.53 25.99
CA MET B 92 34.14 -7.28 26.06
C MET B 92 34.75 -7.05 27.47
N MET B 93 33.97 -7.29 28.52
CA MET B 93 34.50 -7.23 29.90
C MET B 93 35.64 -8.22 30.18
N GLN B 94 35.54 -9.45 29.66
CA GLN B 94 36.64 -10.42 29.78
C GLN B 94 37.88 -9.98 28.97
N GLN B 95 37.66 -9.29 27.86
CA GLN B 95 38.75 -8.69 27.09
C GLN B 95 39.44 -7.57 27.87
N LYS B 96 38.65 -6.74 28.55
CA LYS B 96 39.15 -5.64 29.41
C LYS B 96 39.97 -6.17 30.60
N ALA B 97 39.48 -7.23 31.25
CA ALA B 97 40.20 -7.86 32.37
C ALA B 97 41.64 -8.28 32.00
N GLN B 98 41.84 -8.71 30.76
CA GLN B 98 43.15 -9.21 30.30
C GLN B 98 44.08 -8.14 29.68
N ILE B 99 43.75 -6.85 29.82
CA ILE B 99 44.62 -5.78 29.29
C ILE B 99 45.55 -5.26 30.42
N THR B 100 46.84 -5.11 30.10
CA THR B 100 47.86 -4.69 31.07
C THR B 100 48.09 -3.18 30.99
N SER B 101 48.33 -2.56 32.14
CA SER B 101 48.76 -1.14 32.22
C SER B 101 49.87 -0.75 31.23
N GLN B 102 50.82 -1.65 31.00
CA GLN B 102 51.87 -1.45 29.98
C GLN B 102 51.24 -1.20 28.59
N GLN B 103 50.27 -2.04 28.21
CA GLN B 103 49.59 -1.92 26.90
C GLN B 103 48.74 -0.64 26.78
N LEU B 104 47.91 -0.41 27.79
CA LEU B 104 47.07 0.79 27.93
C LEU B 104 47.85 2.09 27.78
N ARG B 105 49.06 2.13 28.36
CA ARG B 105 50.03 3.23 28.17
C ARG B 105 50.48 3.31 26.72
N LYS B 106 50.90 2.18 26.15
CA LYS B 106 51.36 2.15 24.75
C LYS B 106 50.24 2.56 23.79
N ALA B 107 49.01 2.23 24.14
CA ALA B 107 47.83 2.71 23.43
C ALA B 107 47.66 4.23 23.60
N GLN B 108 47.57 4.66 24.85
CA GLN B 108 47.43 6.09 25.21
C GLN B 108 48.37 7.03 24.42
N LEU B 109 49.60 6.60 24.17
CA LEU B 109 50.56 7.37 23.38
C LEU B 109 50.14 7.40 21.92
N GLN B 110 49.70 6.26 21.40
CA GLN B 110 49.23 6.14 20.01
C GLN B 110 47.97 6.98 19.74
N VAL B 111 46.99 6.87 20.63
CA VAL B 111 45.73 7.60 20.50
C VAL B 111 45.96 9.11 20.53
N ASP B 112 46.75 9.56 21.49
CA ASP B 112 47.07 10.98 21.61
C ASP B 112 47.81 11.50 20.40
N ARG B 113 48.66 10.68 19.78
CA ARG B 113 49.34 11.05 18.54
C ARG B 113 48.30 11.32 17.47
N PHE B 114 47.31 10.44 17.36
CA PHE B 114 46.20 10.59 16.41
C PHE B 114 45.32 11.77 16.80
N ALA B 115 44.96 11.86 18.09
CA ALA B 115 44.16 12.98 18.63
C ALA B 115 44.77 14.38 18.41
N MET B 116 46.09 14.44 18.27
CA MET B 116 46.79 15.66 17.88
C MET B 116 46.58 15.91 16.39
N GLU B 117 46.74 14.87 15.55
CA GLU B 117 46.55 14.99 14.09
C GLU B 117 45.14 15.50 13.72
N LEU B 118 44.12 15.07 14.48
CA LEU B 118 42.73 15.50 14.25
C LEU B 118 42.50 16.93 14.71
N GLU B 119 42.97 17.22 15.92
CA GLU B 119 42.90 18.56 16.49
C GLU B 119 43.55 19.61 15.58
N GLN B 120 44.71 19.25 15.02
CA GLN B 120 45.44 20.07 14.03
C GLN B 120 44.59 20.44 12.82
N SER B 121 43.85 19.48 12.29
CA SER B 121 42.99 19.69 11.11
C SER B 121 41.59 20.27 11.41
N ARG B 122 41.22 20.44 12.68
CA ARG B 122 39.91 21.01 13.05
C ARG B 122 39.58 22.25 12.22
N ASN B 123 38.37 22.31 11.68
CA ASN B 123 37.95 23.42 10.83
C ASN B 123 36.69 24.08 11.38
N LEU B 124 36.79 25.38 11.63
CA LEU B 124 35.69 26.14 12.21
C LEU B 124 35.13 27.18 11.24
N SER B 125 35.63 27.18 10.00
CA SER B 125 35.35 28.25 9.05
C SER B 125 34.01 28.11 8.32
N ASN B 126 33.41 26.91 8.37
CA ASN B 126 32.17 26.62 7.65
C ASN B 126 30.97 26.68 8.56
N THR B 127 29.84 27.10 8.00
CA THR B 127 28.59 27.18 8.74
C THR B 127 27.62 26.18 8.15
N ILE B 128 27.26 25.19 8.98
CA ILE B 128 26.44 24.07 8.60
C ILE B 128 25.15 24.16 9.38
N VAL B 129 24.04 23.97 8.66
CA VAL B 129 22.70 24.01 9.22
C VAL B 129 22.07 22.65 8.97
N HIS B 130 21.27 22.19 9.91
CA HIS B 130 20.52 20.97 9.76
C HIS B 130 19.07 21.25 10.07
N ILE B 131 18.21 21.11 9.05
CA ILE B 131 16.77 21.34 9.18
C ILE B 131 16.13 19.98 9.38
N ASP B 132 15.11 19.91 10.24
CA ASP B 132 14.37 18.67 10.54
C ASP B 132 12.94 19.05 10.86
N MET B 133 12.00 18.62 10.04
CA MET B 133 10.58 18.94 10.24
C MET B 133 10.04 18.38 11.54
N ASP B 134 9.01 19.04 12.05
CA ASP B 134 8.41 18.68 13.33
C ASP B 134 7.25 17.74 13.07
N ALA B 135 7.23 16.61 13.77
CA ALA B 135 6.18 15.59 13.68
C ALA B 135 5.62 15.39 12.25
N PHE B 136 6.56 15.30 11.30
CA PHE B 136 6.27 15.57 9.88
C PHE B 136 4.94 15.04 9.35
N TYR B 137 4.76 13.72 9.37
CA TYR B 137 3.57 13.12 8.78
C TYR B 137 2.35 13.53 9.56
N ALA B 138 2.50 13.64 10.88
CA ALA B 138 1.38 13.95 11.75
C ALA B 138 1.01 15.40 11.55
N ALA B 139 2.02 16.24 11.35
CA ALA B 139 1.85 17.67 11.17
C ALA B 139 1.13 18.00 9.87
N VAL B 140 1.42 17.23 8.83
CA VAL B 140 0.72 17.33 7.56
C VAL B 140 -0.75 16.93 7.74
N GLU B 141 -1.02 15.85 8.46
CA GLU B 141 -2.39 15.39 8.67
C GLU B 141 -3.19 16.30 9.61
N MET B 142 -2.49 16.96 10.52
CA MET B 142 -3.12 17.98 11.37
C MET B 142 -3.46 19.22 10.57
N ARG B 143 -2.58 19.57 9.63
CA ARG B 143 -2.77 20.75 8.79
C ARG B 143 -4.06 20.71 7.98
N ASP B 144 -4.35 19.56 7.39
CA ASP B 144 -5.44 19.44 6.42
C ASP B 144 -6.67 18.73 7.00
N ASN B 145 -6.66 18.49 8.31
CA ASN B 145 -7.88 18.12 9.04
C ASN B 145 -7.85 18.78 10.44
N PRO B 146 -8.44 20.00 10.56
CA PRO B 146 -8.40 20.75 11.83
C PRO B 146 -8.94 20.01 13.07
N GLU B 147 -9.96 19.16 12.88
CA GLU B 147 -10.51 18.30 13.97
C GLU B 147 -9.46 17.53 14.77
N LEU B 148 -8.30 17.27 14.14
CA LEU B 148 -7.15 16.60 14.78
C LEU B 148 -6.25 17.51 15.62
N LYS B 149 -6.08 18.77 15.23
CA LYS B 149 -5.02 19.64 15.78
C LYS B 149 -4.97 19.77 17.30
N ASP B 150 -6.11 19.66 17.99
CA ASP B 150 -6.16 19.70 19.47
C ASP B 150 -6.07 18.32 20.15
N LYS B 151 -5.84 17.26 19.39
CA LYS B 151 -6.02 15.87 19.86
C LYS B 151 -4.70 15.07 19.73
N PRO B 152 -4.60 13.88 20.37
CA PRO B 152 -3.38 13.07 20.21
C PRO B 152 -3.48 12.15 18.99
N ILE B 153 -2.54 12.23 18.07
CA ILE B 153 -2.59 11.39 16.84
C ILE B 153 -1.28 10.73 16.53
N ALA B 154 -1.38 9.65 15.77
CA ALA B 154 -0.22 9.00 15.19
C ALA B 154 -0.55 8.65 13.76
N VAL B 155 0.47 8.70 12.91
CA VAL B 155 0.30 8.27 11.53
C VAL B 155 0.77 6.84 11.42
N GLY B 156 -0.06 5.99 10.83
CA GLY B 156 0.27 4.58 10.70
C GLY B 156 -0.95 3.69 10.75
N SER B 157 -0.78 2.52 11.33
CA SER B 157 -1.81 1.52 11.40
C SER B 157 -1.75 0.91 12.77
N MET B 158 -2.67 -0.01 13.01
CA MET B 158 -2.70 -0.80 14.22
C MET B 158 -1.46 -1.73 14.33
N SER B 159 -0.84 -2.08 13.20
CA SER B 159 0.39 -2.87 13.21
C SER B 159 1.64 -2.02 13.43
N MET B 160 1.67 -0.79 12.94
CA MET B 160 2.91 0.04 13.04
C MET B 160 2.62 1.52 12.92
N LEU B 161 3.38 2.33 13.68
CA LEU B 161 3.26 3.78 13.61
C LEU B 161 4.53 4.40 13.03
N SER B 162 4.35 5.24 12.02
CA SER B 162 5.40 6.03 11.38
C SER B 162 5.96 7.08 12.35
N THR B 163 5.05 7.80 12.96
CA THR B 163 5.37 8.87 13.89
C THR B 163 4.10 9.20 14.66
N SER B 164 4.25 10.13 15.60
CA SER B 164 3.13 10.65 16.38
C SER B 164 3.33 12.16 16.59
N ASN B 165 2.24 12.86 16.89
CA ASN B 165 2.36 14.30 17.24
C ASN B 165 2.81 14.45 18.66
N TYR B 166 3.33 15.64 18.99
CA TYR B 166 3.86 15.87 20.33
C TYR B 166 2.83 15.65 21.43
N HIS B 167 1.58 15.96 21.13
CA HIS B 167 0.50 15.70 22.08
C HIS B 167 0.52 14.23 22.51
N ALA B 168 0.50 13.33 21.53
CA ALA B 168 0.53 11.88 21.80
C ALA B 168 1.85 11.38 22.38
N ARG B 169 2.97 12.08 22.10
CA ARG B 169 4.29 11.73 22.64
C ARG B 169 4.38 11.92 24.16
N ARG B 170 3.54 12.78 24.73
CA ARG B 170 3.44 12.92 26.19
C ARG B 170 2.91 11.65 26.89
N PHE B 171 2.23 10.78 26.13
CA PHE B 171 1.76 9.46 26.59
C PHE B 171 2.73 8.29 26.27
N GLY B 172 3.91 8.61 25.72
CA GLY B 172 4.90 7.60 25.34
C GLY B 172 4.75 6.95 23.96
N VAL B 173 3.75 7.35 23.17
CA VAL B 173 3.53 6.74 21.85
C VAL B 173 4.48 7.41 20.87
N ARG B 174 5.25 6.58 20.15
CA ARG B 174 6.37 7.04 19.37
C ARG B 174 6.39 6.29 18.05
N ALA B 175 7.24 6.75 17.13
CA ALA B 175 7.59 6.00 15.92
C ALA B 175 8.13 4.63 16.27
N ALA B 176 7.94 3.68 15.35
CA ALA B 176 8.36 2.28 15.54
C ALA B 176 7.50 1.49 16.53
N MET B 177 6.46 2.11 17.10
CA MET B 177 5.56 1.44 18.03
C MET B 177 4.34 0.91 17.27
N PRO B 178 3.94 -0.35 17.55
CA PRO B 178 2.69 -0.82 16.95
C PRO B 178 1.47 -0.09 17.47
N GLY B 179 0.53 0.23 16.58
CA GLY B 179 -0.66 0.99 16.94
C GLY B 179 -1.51 0.41 18.08
N PHE B 180 -1.56 -0.91 18.19
CA PHE B 180 -2.33 -1.57 19.25
C PHE B 180 -1.75 -1.32 20.64
N ILE B 181 -0.43 -1.33 20.76
CA ILE B 181 0.21 -0.95 22.01
C ILE B 181 -0.05 0.53 22.26
N ALA B 182 0.18 1.36 21.25
CA ALA B 182 -0.07 2.79 21.38
C ALA B 182 -1.49 3.12 21.85
N LYS B 183 -2.47 2.31 21.46
CA LYS B 183 -3.86 2.48 21.91
C LYS B 183 -4.01 2.21 23.41
N ARG B 184 -3.32 1.19 23.91
CA ARG B 184 -3.34 0.86 25.34
C ARG B 184 -2.73 1.95 26.21
N LEU B 185 -1.71 2.64 25.69
CA LEU B 185 -1.07 3.81 26.37
C LEU B 185 -1.87 5.12 26.27
N CYS B 186 -2.88 5.14 25.41
CA CYS B 186 -3.62 6.34 25.06
C CYS B 186 -4.82 5.91 24.21
N PRO B 187 -5.93 5.47 24.85
CA PRO B 187 -7.14 5.09 24.08
C PRO B 187 -7.81 6.23 23.31
N GLN B 188 -7.49 7.48 23.67
CA GLN B 188 -7.98 8.66 22.94
C GLN B 188 -7.24 8.87 21.61
N LEU B 189 -6.24 8.03 21.33
CA LEU B 189 -5.38 8.15 20.15
C LEU B 189 -6.11 7.92 18.83
N ILE B 190 -5.94 8.88 17.94
CA ILE B 190 -6.44 8.81 16.58
C ILE B 190 -5.30 8.35 15.68
N ILE B 191 -5.51 7.21 15.01
CA ILE B 191 -4.55 6.64 14.08
C ILE B 191 -4.99 6.98 12.65
N VAL B 192 -4.25 7.88 12.01
CA VAL B 192 -4.47 8.28 10.61
C VAL B 192 -3.58 7.51 9.63
N PRO B 193 -4.17 6.86 8.58
CA PRO B 193 -3.31 6.15 7.65
C PRO B 193 -2.41 7.10 6.86
N PRO B 194 -1.23 6.63 6.41
CA PRO B 194 -0.31 7.51 5.70
C PRO B 194 -0.79 7.86 4.30
N ASN B 195 -0.44 9.09 3.90
CA ASN B 195 -0.59 9.59 2.54
C ASN B 195 0.80 10.04 2.08
N PHE B 196 1.57 9.02 1.70
CA PHE B 196 2.98 9.21 1.37
CA PHE B 196 2.97 9.21 1.38
C PHE B 196 3.19 10.23 0.25
N ASP B 197 2.34 10.21 -0.75
CA ASP B 197 2.49 11.10 -1.91
C ASP B 197 2.24 12.58 -1.59
N LYS B 198 1.42 12.86 -0.57
CA LYS B 198 1.37 14.21 -0.01
C LYS B 198 2.68 14.60 0.64
N TYR B 199 3.21 13.72 1.50
CA TYR B 199 4.43 14.02 2.25
C TYR B 199 5.56 14.31 1.29
N ARG B 200 5.60 13.56 0.20
CA ARG B 200 6.53 13.78 -0.90
C ARG B 200 6.41 15.19 -1.49
N ALA B 201 5.17 15.64 -1.68
CA ALA B 201 4.88 16.96 -2.25
C ALA B 201 5.29 18.10 -1.32
N VAL B 202 4.98 17.94 -0.04
CA VAL B 202 5.34 18.92 0.98
C VAL B 202 6.85 19.02 1.07
N SER B 203 7.50 17.87 1.00
CA SER B 203 8.96 17.82 0.99
C SER B 203 9.56 18.62 -0.18
N LYS B 204 8.96 18.49 -1.37
CA LYS B 204 9.40 19.24 -2.56
C LYS B 204 9.31 20.76 -2.32
N GLU B 205 8.25 21.18 -1.61
CA GLU B 205 8.07 22.57 -1.24
C GLU B 205 9.19 23.09 -0.35
N VAL B 206 9.61 22.29 0.63
CA VAL B 206 10.69 22.75 1.54
C VAL B 206 12.04 22.68 0.85
N LYS B 207 12.30 21.63 0.09
CA LYS B 207 13.56 21.57 -0.67
C LYS B 207 13.76 22.81 -1.58
N GLU B 208 12.70 23.34 -2.17
CA GLU B 208 12.79 24.57 -3.01
C GLU B 208 13.37 25.76 -2.23
N ILE B 209 12.80 26.00 -1.04
CA ILE B 209 13.31 26.99 -0.10
C ILE B 209 14.80 26.76 0.19
N LEU B 210 15.14 25.53 0.61
CA LEU B 210 16.53 25.21 1.03
C LEU B 210 17.56 25.39 -0.08
N ALA B 211 17.13 25.23 -1.34
CA ALA B 211 18.04 25.36 -2.48
C ALA B 211 18.54 26.79 -2.70
N ASP B 212 17.78 27.80 -2.28
CA ASP B 212 18.22 29.21 -2.34
C ASP B 212 19.51 29.42 -1.54
N TYR B 213 19.56 28.82 -0.34
CA TYR B 213 20.62 29.06 0.63
C TYR B 213 21.85 28.20 0.37
N ASP B 214 21.61 26.95 -0.07
CA ASP B 214 22.69 26.07 -0.54
C ASP B 214 22.11 25.30 -1.72
N PRO B 215 22.56 25.60 -2.96
CA PRO B 215 22.14 24.77 -4.10
C PRO B 215 22.71 23.34 -4.09
N ASN B 216 23.81 23.10 -3.38
CA ASN B 216 24.34 21.75 -3.18
C ASN B 216 24.00 21.14 -1.81
N PHE B 217 22.83 21.47 -1.29
CA PHE B 217 22.37 20.96 0.00
C PHE B 217 22.17 19.46 -0.11
N MET B 218 22.20 18.79 1.03
CA MET B 218 22.16 17.33 1.12
C MET B 218 20.87 16.93 1.83
N ALA B 219 19.87 16.48 1.06
CA ALA B 219 18.60 15.98 1.65
C ALA B 219 18.86 14.57 2.12
N MET B 220 18.58 14.32 3.39
CA MET B 220 18.82 13.01 3.98
C MET B 220 17.58 12.11 3.94
N SER B 221 16.42 12.74 3.90
CA SER B 221 15.14 12.12 4.17
C SER B 221 14.13 13.02 3.49
N LEU B 222 12.85 12.74 3.64
CA LEU B 222 11.83 13.66 3.14
C LEU B 222 11.80 14.89 4.04
N ASP B 223 12.00 14.71 5.35
CA ASP B 223 11.75 15.78 6.33
C ASP B 223 12.97 16.52 6.86
N GLU B 224 14.17 16.10 6.45
CA GLU B 224 15.42 16.67 7.00
C GLU B 224 16.49 16.86 5.92
N ALA B 225 17.42 17.77 6.20
CA ALA B 225 18.53 18.05 5.26
C ALA B 225 19.67 18.80 5.95
N TYR B 226 20.82 18.81 5.28
CA TYR B 226 22.01 19.55 5.70
C TYR B 226 22.29 20.63 4.66
N LEU B 227 22.72 21.81 5.14
CA LEU B 227 23.12 22.93 4.27
C LEU B 227 24.45 23.52 4.71
N ASN B 228 25.30 23.83 3.74
CA ASN B 228 26.47 24.70 3.96
C ASN B 228 26.22 26.16 3.53
N ILE B 229 25.76 26.97 4.50
CA ILE B 229 25.43 28.39 4.26
C ILE B 229 26.62 29.36 4.36
N THR B 230 27.83 28.87 4.10
CA THR B 230 29.02 29.69 4.13
C THR B 230 29.05 30.66 2.93
N LYS B 231 29.08 30.15 1.69
CA LYS B 231 29.04 31.02 0.48
C LYS B 231 27.82 31.99 0.45
N HIS B 232 26.68 31.57 1.01
CA HIS B 232 25.51 32.45 1.16
C HIS B 232 25.78 33.58 2.16
N LEU B 233 26.08 33.22 3.41
CA LEU B 233 26.32 34.20 4.50
C LEU B 233 27.34 35.28 4.10
N GLU B 234 28.35 34.89 3.32
CA GLU B 234 29.34 35.80 2.71
C GLU B 234 28.66 36.85 1.84
N GLU B 235 27.91 36.39 0.83
CA GLU B 235 27.17 37.29 -0.08
C GLU B 235 26.10 38.14 0.62
N ARG B 236 25.44 37.56 1.62
CA ARG B 236 24.37 38.21 2.38
C ARG B 236 24.82 39.39 3.27
N GLN B 237 26.09 39.46 3.65
CA GLN B 237 26.55 40.57 4.51
C GLN B 237 26.30 41.93 3.84
N ASN B 238 26.56 42.02 2.53
CA ASN B 238 26.33 43.23 1.73
C ASN B 238 25.04 43.18 0.90
N TRP B 239 23.91 42.93 1.57
CA TRP B 239 22.55 42.92 0.95
C TRP B 239 21.72 44.04 1.58
N PRO B 240 20.86 44.71 0.79
CA PRO B 240 19.91 45.67 1.36
C PRO B 240 18.75 44.97 2.06
N GLU B 241 17.98 45.71 2.87
CA GLU B 241 16.81 45.15 3.57
C GLU B 241 15.75 44.55 2.63
N ASP B 242 15.69 45.04 1.39
CA ASP B 242 14.70 44.61 0.39
C ASP B 242 14.81 43.10 0.07
N LYS B 243 16.05 42.62 -0.09
CA LYS B 243 16.34 41.19 -0.37
C LYS B 243 16.25 40.27 0.86
N ARG B 244 16.09 40.84 2.06
CA ARG B 244 15.89 40.10 3.32
C ARG B 244 14.56 40.45 4.00
N ARG B 245 13.60 40.95 3.23
CA ARG B 245 12.28 41.34 3.74
C ARG B 245 11.26 40.36 3.20
N TYR B 246 10.37 39.89 4.08
CA TYR B 246 9.31 38.93 3.72
C TYR B 246 8.00 39.39 4.34
N PHE B 247 6.91 39.31 3.57
CA PHE B 247 5.59 39.77 3.98
C PHE B 247 4.83 38.60 4.58
N ILE B 248 4.13 38.81 5.69
CA ILE B 248 3.35 37.74 6.33
C ILE B 248 2.06 37.46 5.54
N LYS B 249 1.48 36.28 5.74
CA LYS B 249 0.24 35.85 5.08
C LYS B 249 -0.82 35.54 6.13
N ASN B 307 1.84 44.25 7.51
CA ASN B 307 2.69 43.49 8.43
C ASN B 307 3.76 42.71 7.68
N SER B 308 4.98 43.27 7.63
CA SER B 308 6.15 42.62 7.04
C SER B 308 7.17 42.29 8.14
N VAL B 309 8.31 41.72 7.75
CA VAL B 309 9.39 41.41 8.70
C VAL B 309 10.74 41.30 7.97
N VAL B 310 11.80 41.75 8.64
CA VAL B 310 13.16 41.68 8.09
C VAL B 310 13.97 40.64 8.89
N PHE B 311 15.00 40.09 8.23
CA PHE B 311 15.91 39.14 8.87
C PHE B 311 17.31 39.68 8.69
N GLY B 312 18.10 39.61 9.76
CA GLY B 312 19.48 40.11 9.79
C GLY B 312 20.45 39.32 8.94
N THR B 313 21.70 39.78 8.89
CA THR B 313 22.76 39.12 8.09
C THR B 313 23.49 37.97 8.82
N SER B 314 23.11 37.69 10.07
CA SER B 314 23.72 36.61 10.87
C SER B 314 23.17 35.20 10.53
N ALA B 315 23.96 34.18 10.87
CA ALA B 315 23.57 32.78 10.74
C ALA B 315 22.27 32.46 11.47
N GLN B 316 22.12 32.92 12.72
CA GLN B 316 20.85 32.74 13.44
C GLN B 316 19.67 33.36 12.72
N GLU B 317 19.91 34.47 12.02
CA GLU B 317 18.86 35.17 11.28
C GLU B 317 18.49 34.46 9.96
N VAL B 318 19.49 34.00 9.21
CA VAL B 318 19.29 33.16 8.01
C VAL B 318 18.37 31.97 8.31
N VAL B 319 18.66 31.27 9.40
CA VAL B 319 17.86 30.11 9.82
C VAL B 319 16.48 30.52 10.35
N LYS B 320 16.35 31.68 10.99
CA LYS B 320 15.00 32.18 11.37
C LYS B 320 14.18 32.48 10.09
N GLU B 321 14.85 32.97 9.05
CA GLU B 321 14.21 33.23 7.77
C GLU B 321 13.75 31.93 7.11
N ILE B 322 14.67 30.96 7.00
CA ILE B 322 14.38 29.63 6.43
C ILE B 322 13.16 29.00 7.08
N ARG B 323 13.15 28.97 8.41
CA ARG B 323 12.04 28.39 9.16
C ARG B 323 10.74 29.14 8.99
N PHE B 324 10.85 30.47 8.84
CA PHE B 324 9.70 31.33 8.53
C PHE B 324 9.09 30.98 7.16
N ARG B 325 9.89 31.09 6.09
CA ARG B 325 9.46 30.78 4.71
C ARG B 325 8.80 29.40 4.54
N ILE B 326 9.39 28.39 5.21
CA ILE B 326 8.78 27.06 5.32
C ILE B 326 7.38 27.14 5.95
N GLU B 327 7.25 27.80 7.10
CA GLU B 327 5.94 27.95 7.74
C GLU B 327 4.94 28.74 6.86
N GLN B 328 5.43 29.74 6.13
CA GLN B 328 4.56 30.50 5.21
C GLN B 328 4.08 29.64 4.04
N LYS B 329 5.01 28.95 3.40
CA LYS B 329 4.70 28.13 2.23
C LYS B 329 3.88 26.87 2.52
N THR B 330 4.18 26.19 3.62
CA THR B 330 3.58 24.89 3.95
C THR B 330 2.65 24.88 5.15
N THR B 331 2.63 25.95 5.95
CA THR B 331 1.97 25.97 7.27
C THR B 331 2.40 24.80 8.16
N LEU B 332 3.71 24.52 8.14
CA LEU B 332 4.32 23.55 9.04
C LEU B 332 5.62 24.11 9.61
N THR B 333 5.92 23.71 10.84
CA THR B 333 7.13 24.15 11.56
C THR B 333 8.28 23.17 11.35
N ALA B 334 9.49 23.72 11.49
CA ALA B 334 10.72 22.96 11.48
C ALA B 334 11.62 23.42 12.63
N SER B 335 12.51 22.53 13.08
CA SER B 335 13.59 22.90 13.98
C SER B 335 14.89 22.89 13.20
N ALA B 336 15.92 23.51 13.74
CA ALA B 336 17.21 23.59 13.04
C ALA B 336 18.36 23.72 13.99
N GLY B 337 19.57 23.48 13.45
CA GLY B 337 20.78 23.44 14.22
C GLY B 337 21.90 24.07 13.43
N ILE B 338 22.66 24.94 14.10
CA ILE B 338 23.77 25.63 13.45
C ILE B 338 25.04 25.32 14.24
N ALA B 339 26.11 25.05 13.49
CA ALA B 339 27.35 24.57 14.06
C ALA B 339 28.37 24.46 12.95
N PRO B 340 29.66 24.35 13.32
CA PRO B 340 30.71 24.26 12.30
C PRO B 340 30.83 22.92 11.57
N ASN B 341 30.15 21.88 12.07
CA ASN B 341 30.10 20.56 11.40
C ASN B 341 28.73 19.87 11.46
N THR B 342 28.57 18.86 10.60
CA THR B 342 27.29 18.12 10.45
C THR B 342 26.86 17.40 11.73
N MET B 343 27.82 16.71 12.37
CA MET B 343 27.56 15.97 13.62
C MET B 343 26.94 16.86 14.70
N LEU B 344 27.56 18.01 14.91
CA LEU B 344 27.05 18.98 15.89
C LEU B 344 25.72 19.59 15.45
N ALA B 345 25.68 20.11 14.21
CA ALA B 345 24.45 20.74 13.69
C ALA B 345 23.23 19.84 13.92
N LYS B 346 23.42 18.56 13.58
CA LYS B 346 22.42 17.51 13.81
C LYS B 346 21.99 17.39 15.30
N VAL B 347 22.93 17.45 16.24
CA VAL B 347 22.57 17.44 17.67
C VAL B 347 21.81 18.70 18.08
N CYS B 348 22.26 19.88 17.61
CA CYS B 348 21.61 21.13 18.03
C CYS B 348 20.17 21.23 17.51
N SER B 349 19.92 20.72 16.31
CA SER B 349 18.56 20.71 15.73
C SER B 349 17.55 19.97 16.61
N ASP B 350 18.01 18.97 17.35
CA ASP B 350 17.19 18.22 18.29
C ASP B 350 16.94 18.99 19.61
N LYS B 351 17.91 19.83 20.00
CA LYS B 351 17.89 20.53 21.30
C LYS B 351 16.62 21.34 21.61
N ASN B 352 16.27 22.28 20.73
CA ASN B 352 15.05 23.14 20.85
C ASN B 352 13.90 22.70 19.90
N LYS B 353 13.73 21.40 19.75
CA LYS B 353 12.66 20.86 18.94
C LYS B 353 11.46 20.68 19.88
N PRO B 354 10.23 21.03 19.48
CA PRO B 354 9.84 21.50 18.14
C PRO B 354 9.82 23.01 17.98
N ASN B 355 9.95 23.46 16.74
CA ASN B 355 9.85 24.87 16.38
C ASN B 355 10.82 25.72 17.20
N GLY B 356 12.09 25.33 17.12
CA GLY B 356 13.19 26.14 17.66
C GLY B 356 14.47 25.88 16.90
N GLN B 357 15.53 26.57 17.31
CA GLN B 357 16.84 26.38 16.72
C GLN B 357 17.91 26.58 17.78
N TYR B 358 19.15 26.19 17.46
CA TYR B 358 20.27 26.32 18.38
C TYR B 358 21.56 26.40 17.58
N GLN B 359 22.39 27.40 17.93
CA GLN B 359 23.72 27.54 17.35
C GLN B 359 24.82 27.16 18.35
N ILE B 360 25.87 26.54 17.83
CA ILE B 360 27.15 26.45 18.53
C ILE B 360 28.05 27.36 17.72
N LEU B 361 28.55 28.43 18.35
CA LEU B 361 29.36 29.44 17.67
C LEU B 361 30.74 28.90 17.26
N PRO B 362 31.25 29.29 16.08
CA PRO B 362 32.49 28.69 15.56
C PRO B 362 33.80 29.08 16.29
N ASN B 363 33.89 28.72 17.57
CA ASN B 363 35.12 28.83 18.34
C ASN B 363 35.30 27.58 19.20
N ARG B 364 36.54 27.11 19.28
CA ARG B 364 36.87 25.84 19.95
C ARG B 364 36.28 25.69 21.37
N GLN B 365 36.24 26.77 22.12
CA GLN B 365 35.71 26.71 23.47
C GLN B 365 34.21 26.41 23.54
N ALA B 366 33.44 26.89 22.57
CA ALA B 366 31.98 26.69 22.55
C ALA B 366 31.65 25.26 22.18
N VAL B 367 32.37 24.72 21.19
CA VAL B 367 32.26 23.31 20.83
C VAL B 367 32.40 22.46 22.10
N MET B 368 33.55 22.59 22.76
CA MET B 368 33.88 21.82 23.97
C MET B 368 32.91 22.00 25.13
N ASP B 369 32.43 23.22 25.32
CA ASP B 369 31.42 23.51 26.35
C ASP B 369 30.11 22.77 26.06
N PHE B 370 29.75 22.66 24.79
CA PHE B 370 28.56 21.91 24.37
C PHE B 370 28.76 20.40 24.59
N ILE B 371 29.84 19.88 24.02
CA ILE B 371 30.27 18.47 24.20
C ILE B 371 30.32 18.00 25.67
N LYS B 372 30.87 18.85 26.56
CA LYS B 372 31.23 18.48 27.95
C LYS B 372 30.32 17.46 28.61
N ASP B 373 29.04 17.78 28.74
CA ASP B 373 28.08 16.90 29.43
C ASP B 373 27.08 16.18 28.49
N LEU B 374 27.33 16.26 27.18
CA LEU B 374 26.46 15.68 26.14
C LEU B 374 26.43 14.15 26.21
N PRO B 375 25.25 13.55 26.53
CA PRO B 375 25.19 12.10 26.50
C PRO B 375 25.46 11.58 25.08
N ILE B 376 26.27 10.54 24.97
CA ILE B 376 26.71 10.00 23.66
C ILE B 376 25.55 9.53 22.77
N ARG B 377 24.47 9.07 23.40
CA ARG B 377 23.25 8.66 22.71
C ARG B 377 22.63 9.71 21.79
N LYS B 378 22.78 11.00 22.13
CA LYS B 378 22.29 12.12 21.27
C LYS B 378 23.05 12.33 19.95
N VAL B 379 24.21 11.71 19.81
CA VAL B 379 24.96 11.75 18.57
C VAL B 379 24.30 10.78 17.58
N SER B 380 24.16 11.22 16.34
CA SER B 380 23.63 10.39 15.28
C SER B 380 24.68 9.35 14.92
N GLY B 381 24.32 8.07 15.03
CA GLY B 381 25.26 6.95 14.88
C GLY B 381 25.48 6.10 16.13
N ILE B 382 25.16 6.65 17.31
CA ILE B 382 25.19 5.92 18.58
C ILE B 382 23.74 5.58 18.91
N GLY B 383 23.43 4.30 18.89
CA GLY B 383 22.11 3.80 19.20
C GLY B 383 22.10 2.97 20.46
N LYS B 384 20.96 2.30 20.65
CA LYS B 384 20.62 1.54 21.84
C LYS B 384 21.76 0.63 22.30
N VAL B 385 22.29 -0.15 21.36
CA VAL B 385 23.29 -1.15 21.68
C VAL B 385 24.61 -0.50 22.06
N THR B 386 25.09 0.43 21.24
CA THR B 386 26.36 1.12 21.53
C THR B 386 26.29 1.83 22.89
N GLU B 387 25.14 2.44 23.20
CA GLU B 387 24.94 3.08 24.51
C GLU B 387 25.14 2.09 25.65
N LYS B 388 24.49 0.94 25.56
CA LYS B 388 24.60 -0.12 26.60
C LYS B 388 26.02 -0.67 26.77
N MET B 389 26.70 -0.89 25.66
CA MET B 389 28.08 -1.35 25.68
C MET B 389 29.01 -0.36 26.36
N LEU B 390 28.95 0.89 25.93
CA LEU B 390 29.79 1.94 26.49
C LEU B 390 29.38 2.30 27.93
N LYS B 391 28.08 2.22 28.23
CA LYS B 391 27.62 2.38 29.61
C LYS B 391 28.33 1.39 30.53
N ALA B 392 28.42 0.12 30.11
CA ALA B 392 29.12 -0.92 30.89
C ALA B 392 30.60 -0.61 31.18
N LEU B 393 31.23 0.25 30.39
CA LEU B 393 32.57 0.79 30.68
C LEU B 393 32.54 2.13 31.44
N GLY B 394 31.42 2.48 32.06
CA GLY B 394 31.26 3.78 32.72
C GLY B 394 31.26 5.01 31.80
N ILE B 395 30.94 4.82 30.52
CA ILE B 395 30.87 5.92 29.56
C ILE B 395 29.41 6.26 29.29
N ILE B 396 29.04 7.48 29.66
CA ILE B 396 27.72 8.04 29.37
C ILE B 396 27.81 9.39 28.63
N THR B 397 28.75 10.26 29.00
CA THR B 397 28.94 11.57 28.36
C THR B 397 30.13 11.56 27.40
N CYS B 398 30.21 12.58 26.56
CA CYS B 398 31.29 12.69 25.57
C CYS B 398 32.69 12.98 26.14
N THR B 399 32.77 13.52 27.34
CA THR B 399 34.08 13.74 27.99
C THR B 399 34.60 12.41 28.54
N GLU B 400 33.71 11.65 29.18
CA GLU B 400 33.98 10.26 29.55
C GLU B 400 34.46 9.45 28.33
N LEU B 401 33.83 9.68 27.17
CA LEU B 401 34.27 9.05 25.92
C LEU B 401 35.72 9.41 25.57
N TYR B 402 36.09 10.67 25.75
CA TYR B 402 37.48 11.13 25.58
C TYR B 402 38.46 10.47 26.57
N GLN B 403 38.03 10.40 27.83
CA GLN B 403 38.88 9.86 28.91
C GLN B 403 39.31 8.43 28.65
N GLN B 404 38.38 7.63 28.13
CA GLN B 404 38.62 6.22 27.87
C GLN B 404 39.20 5.93 26.47
N ARG B 405 39.59 6.96 25.73
CA ARG B 405 40.03 6.77 24.34
C ARG B 405 41.08 5.67 24.12
N ALA B 406 41.91 5.43 25.15
CA ALA B 406 42.97 4.42 25.08
C ALA B 406 42.39 3.00 25.17
N LEU B 407 41.59 2.78 26.22
CA LEU B 407 40.85 1.53 26.42
C LEU B 407 40.04 1.19 25.17
N LEU B 408 39.27 2.18 24.70
CA LEU B 408 38.47 2.06 23.50
C LEU B 408 39.28 1.66 22.26
N SER B 409 40.52 2.11 22.16
CA SER B 409 41.39 1.71 21.04
C SER B 409 41.80 0.22 21.06
N LEU B 410 41.61 -0.44 22.19
CA LEU B 410 41.93 -1.86 22.35
C LEU B 410 40.71 -2.78 22.34
N LEU B 411 39.59 -2.29 22.88
CA LEU B 411 38.31 -3.02 22.85
C LEU B 411 37.54 -2.99 21.49
N PHE B 412 37.66 -1.88 20.76
CA PHE B 412 36.94 -1.69 19.48
C PHE B 412 37.89 -1.57 18.30
N SER B 413 37.33 -1.76 17.11
CA SER B 413 38.12 -1.75 15.89
C SER B 413 38.55 -0.35 15.57
N GLU B 414 39.48 -0.24 14.62
CA GLU B 414 40.04 1.05 14.25
C GLU B 414 38.93 2.04 13.86
N THR B 415 38.07 1.59 12.96
CA THR B 415 37.00 2.40 12.42
C THR B 415 36.08 2.90 13.53
N SER B 416 35.81 2.04 14.50
CA SER B 416 34.94 2.39 15.61
C SER B 416 35.54 3.42 16.57
N TRP B 417 36.82 3.26 16.96
CA TRP B 417 37.43 4.20 17.95
C TRP B 417 37.82 5.52 17.32
N HIS B 418 38.33 5.49 16.08
CA HIS B 418 38.47 6.71 15.25
C HIS B 418 37.19 7.52 15.29
N TYR B 419 36.08 6.84 15.06
CA TYR B 419 34.77 7.47 15.07
C TYR B 419 34.44 8.02 16.45
N PHE B 420 34.68 7.24 17.48
CA PHE B 420 34.44 7.69 18.86
C PHE B 420 35.30 8.90 19.24
N LEU B 421 36.53 8.94 18.72
CA LEU B 421 37.46 10.01 19.02
C LEU B 421 37.05 11.30 18.34
N HIS B 422 36.64 11.21 17.08
CA HIS B 422 36.03 12.35 16.38
C HIS B 422 34.89 12.96 17.20
N ILE B 423 33.99 12.13 17.72
CA ILE B 423 32.87 12.63 18.56
C ILE B 423 33.36 13.32 19.83
N SER B 424 34.29 12.67 20.51
CA SER B 424 34.78 13.14 21.81
C SER B 424 35.45 14.50 21.72
N LEU B 425 36.08 14.76 20.58
CA LEU B 425 36.63 16.08 20.25
C LEU B 425 35.64 17.04 19.54
N GLY B 426 34.34 16.75 19.56
CA GLY B 426 33.34 17.52 18.79
C GLY B 426 33.53 17.72 17.29
N LEU B 427 34.29 16.83 16.64
CA LEU B 427 34.59 16.94 15.21
C LEU B 427 33.57 16.23 14.32
N GLY B 428 33.65 16.51 13.02
CA GLY B 428 32.72 15.94 12.05
C GLY B 428 32.87 16.49 10.64
N SER B 429 31.90 16.18 9.80
CA SER B 429 31.92 16.61 8.40
C SER B 429 31.70 18.12 8.30
N THR B 430 32.52 18.75 7.48
CA THR B 430 32.50 20.20 7.35
C THR B 430 32.22 20.66 5.88
N HIS B 431 32.40 19.79 4.88
CA HIS B 431 31.83 20.00 3.54
C HIS B 431 30.87 18.85 3.20
N LEU B 432 29.83 19.15 2.41
CA LEU B 432 28.82 18.14 2.00
C LEU B 432 29.20 17.47 0.66
N THR B 433 29.55 16.19 0.71
CA THR B 433 29.94 15.42 -0.47
C THR B 433 28.67 15.02 -1.19
N ARG B 434 28.59 15.33 -2.49
CA ARG B 434 27.43 14.99 -3.34
C ARG B 434 26.99 13.53 -3.14
N ASP B 435 25.67 13.30 -3.17
CA ASP B 435 25.09 11.97 -2.86
C ASP B 435 25.51 10.92 -3.90
N GLY B 436 26.29 9.93 -3.46
CA GLY B 436 26.78 8.87 -4.33
C GLY B 436 25.69 7.95 -4.86
N GLU B 437 26.08 7.05 -5.75
CA GLU B 437 25.16 6.06 -6.34
C GLU B 437 24.73 5.03 -5.27
N ARG B 438 23.57 4.40 -5.48
CA ARG B 438 23.08 3.38 -4.57
C ARG B 438 23.83 2.06 -4.78
N LYS B 439 23.97 1.29 -3.71
CA LYS B 439 24.72 0.03 -3.70
C LYS B 439 23.80 -1.21 -3.69
N SER B 440 22.52 -1.05 -3.32
CA SER B 440 21.53 -2.14 -3.31
C SER B 440 20.10 -1.67 -3.51
N MET B 441 19.24 -2.57 -3.99
CA MET B 441 17.79 -2.33 -4.05
C MET B 441 17.05 -3.56 -3.56
N SER B 442 15.96 -3.34 -2.84
CA SER B 442 15.22 -4.46 -2.28
C SER B 442 13.75 -4.20 -2.09
N VAL B 443 13.01 -5.30 -1.99
CA VAL B 443 11.61 -5.26 -1.67
C VAL B 443 11.39 -6.31 -0.59
N GLU B 444 10.53 -5.99 0.39
CA GLU B 444 10.07 -6.96 1.39
C GLU B 444 8.68 -6.67 1.86
N ARG B 445 8.02 -7.71 2.35
CA ARG B 445 6.61 -7.64 2.70
C ARG B 445 6.26 -8.55 3.88
N THR B 446 5.53 -8.00 4.85
CA THR B 446 5.04 -8.76 5.99
C THR B 446 3.60 -9.16 5.70
N PHE B 447 3.26 -10.39 6.08
CA PHE B 447 1.95 -10.95 5.83
C PHE B 447 1.53 -11.96 6.90
N SER B 448 0.24 -12.25 6.93
CA SER B 448 -0.24 -13.34 7.76
C SER B 448 0.45 -14.60 7.29
N GLU B 449 0.57 -15.56 8.19
CA GLU B 449 1.46 -16.69 7.99
C GLU B 449 1.28 -17.33 6.64
N ILE B 450 2.41 -17.65 6.01
CA ILE B 450 2.41 -18.46 4.80
C ILE B 450 3.25 -19.70 5.11
N ASN B 451 2.61 -20.88 5.00
CA ASN B 451 3.27 -22.16 5.24
C ASN B 451 3.27 -23.16 4.08
N LYS B 452 2.47 -22.91 3.05
CA LYS B 452 2.48 -23.78 1.89
C LYS B 452 3.65 -23.42 1.00
N ALA B 453 4.49 -24.41 0.69
CA ALA B 453 5.66 -24.22 -0.17
C ALA B 453 5.33 -23.54 -1.50
N GLU B 454 4.30 -24.02 -2.17
CA GLU B 454 3.90 -23.46 -3.47
C GLU B 454 3.62 -21.95 -3.39
N GLU B 455 2.96 -21.55 -2.30
CA GLU B 455 2.60 -20.14 -2.10
C GLU B 455 3.86 -19.31 -1.84
N GLN B 456 4.82 -19.92 -1.13
CA GLN B 456 6.09 -19.28 -0.83
C GLN B 456 6.90 -19.02 -2.09
N TYR B 457 6.92 -19.98 -3.00
CA TYR B 457 7.57 -19.75 -4.29
C TYR B 457 6.90 -18.64 -5.05
N SER B 458 5.56 -18.65 -5.05
CA SER B 458 4.78 -17.61 -5.71
C SER B 458 5.00 -16.21 -5.13
N LEU B 459 5.03 -16.11 -3.79
CA LEU B 459 5.40 -14.85 -3.11
C LEU B 459 6.79 -14.39 -3.54
N CYS B 460 7.74 -15.32 -3.56
CA CYS B 460 9.09 -15.00 -4.04
C CYS B 460 9.07 -14.44 -5.46
N GLN B 461 8.34 -15.10 -6.35
CA GLN B 461 8.28 -14.67 -7.75
C GLN B 461 7.68 -13.28 -7.87
N GLU B 462 6.63 -13.02 -7.10
CA GLU B 462 5.96 -11.72 -7.12
C GLU B 462 6.90 -10.62 -6.65
N LEU B 463 7.65 -10.89 -5.59
CA LEU B 463 8.66 -9.95 -5.08
C LEU B 463 9.76 -9.71 -6.10
N CYS B 464 10.23 -10.78 -6.75
CA CYS B 464 11.22 -10.62 -7.84
C CYS B 464 10.72 -9.66 -8.94
N SER B 465 9.47 -9.82 -9.38
CA SER B 465 8.87 -8.90 -10.37
C SER B 465 8.85 -7.45 -9.92
N GLU B 466 8.38 -7.22 -8.70
CA GLU B 466 8.32 -5.87 -8.15
C GLU B 466 9.73 -5.26 -8.08
N LEU B 467 10.71 -6.06 -7.70
CA LEU B 467 12.08 -5.60 -7.66
C LEU B 467 12.58 -5.28 -9.07
N ALA B 468 12.36 -6.20 -10.00
CA ALA B 468 12.77 -5.99 -11.39
C ALA B 468 12.19 -4.69 -11.97
N GLN B 469 10.95 -4.39 -11.59
CA GLN B 469 10.29 -3.14 -12.00
C GLN B 469 11.00 -1.93 -11.40
N ASP B 470 11.34 -1.99 -10.11
CA ASP B 470 12.03 -0.89 -9.42
C ASP B 470 13.43 -0.63 -10.00
N LEU B 471 14.14 -1.72 -10.31
CA LEU B 471 15.41 -1.65 -11.05
C LEU B 471 15.25 -0.94 -12.38
N GLN B 472 14.20 -1.29 -13.13
CA GLN B 472 14.02 -0.78 -14.51
C GLN B 472 13.97 0.75 -14.53
N LYS B 473 13.25 1.30 -13.54
CA LYS B 473 13.10 2.74 -13.36
C LYS B 473 14.45 3.47 -13.34
N GLU B 474 15.42 2.92 -12.62
CA GLU B 474 16.77 3.52 -12.51
C GLU B 474 17.82 2.84 -13.41
N ARG B 475 17.38 1.91 -14.28
CA ARG B 475 18.25 1.17 -15.19
C ARG B 475 19.45 0.60 -14.46
N LEU B 476 19.17 -0.28 -13.49
CA LEU B 476 20.21 -0.88 -12.67
C LEU B 476 20.21 -2.37 -12.85
N LYS B 477 21.38 -2.96 -12.65
CA LYS B 477 21.63 -4.37 -12.83
C LYS B 477 22.60 -4.79 -11.75
N GLY B 478 22.53 -6.04 -11.29
CA GLY B 478 23.42 -6.52 -10.23
C GLY B 478 23.72 -7.99 -10.29
N ARG B 479 24.74 -8.42 -9.54
CA ARG B 479 25.23 -9.81 -9.60
C ARG B 479 24.89 -10.66 -8.40
N THR B 480 24.46 -10.01 -7.32
CA THR B 480 24.15 -10.72 -6.09
C THR B 480 22.67 -10.58 -5.83
N VAL B 481 22.02 -11.71 -5.58
CA VAL B 481 20.61 -11.75 -5.19
C VAL B 481 20.56 -12.36 -3.81
N THR B 482 19.84 -11.68 -2.90
CA THR B 482 19.70 -12.11 -1.51
C THR B 482 18.22 -12.21 -1.20
N ILE B 483 17.79 -13.34 -0.64
CA ILE B 483 16.47 -13.45 -0.05
C ILE B 483 16.50 -13.26 1.45
N LYS B 484 15.37 -12.80 1.98
CA LYS B 484 15.23 -12.52 3.41
C LYS B 484 13.96 -13.21 3.87
N LEU B 485 14.08 -13.97 4.95
CA LEU B 485 12.99 -14.80 5.49
C LEU B 485 12.83 -14.56 6.98
N LYS B 486 11.61 -14.25 7.43
CA LYS B 486 11.34 -14.08 8.85
C LYS B 486 10.23 -15.02 9.22
N ASN B 487 10.53 -15.96 10.12
CA ASN B 487 9.52 -16.89 10.56
C ASN B 487 8.61 -16.25 11.61
N VAL B 488 7.52 -16.93 11.90
CA VAL B 488 6.50 -16.43 12.84
C VAL B 488 7.02 -16.18 14.27
N ASN B 489 8.20 -16.70 14.61
CA ASN B 489 8.88 -16.40 15.87
C ASN B 489 9.85 -15.24 15.77
N PHE B 490 9.75 -14.47 14.68
CA PHE B 490 10.57 -13.28 14.44
C PHE B 490 12.06 -13.51 14.19
N GLU B 491 12.45 -14.76 13.91
CA GLU B 491 13.84 -15.10 13.59
C GLU B 491 14.07 -14.84 12.11
N VAL B 492 15.10 -14.06 11.80
CA VAL B 492 15.39 -13.62 10.44
C VAL B 492 16.57 -14.41 9.87
N LYS B 493 16.48 -14.80 8.60
CA LYS B 493 17.57 -15.43 7.86
C LYS B 493 17.72 -14.63 6.59
N THR B 494 18.95 -14.46 6.12
CA THR B 494 19.17 -14.06 4.73
C THR B 494 20.00 -15.13 4.06
N ARG B 495 19.77 -15.32 2.77
CA ARG B 495 20.57 -16.25 1.99
C ARG B 495 20.86 -15.59 0.67
N ALA B 496 22.13 -15.56 0.31
CA ALA B 496 22.64 -14.83 -0.86
C ALA B 496 23.30 -15.76 -1.85
N SER B 497 23.41 -15.27 -3.06
CA SER B 497 24.14 -15.98 -4.10
C SER B 497 24.63 -14.96 -5.10
N THR B 498 25.89 -15.07 -5.48
CA THR B 498 26.48 -14.15 -6.47
C THR B 498 26.73 -14.89 -7.78
N VAL B 499 26.59 -14.17 -8.88
CA VAL B 499 26.63 -14.73 -10.21
C VAL B 499 27.67 -13.98 -11.04
N SER B 500 28.16 -14.62 -12.10
CA SER B 500 29.23 -14.06 -12.93
C SER B 500 28.80 -12.81 -13.68
N SER B 501 27.77 -12.96 -14.52
CA SER B 501 27.23 -11.85 -15.33
C SER B 501 26.06 -11.20 -14.60
N VAL B 502 25.83 -9.94 -14.90
CA VAL B 502 24.88 -9.10 -14.18
C VAL B 502 23.43 -9.45 -14.58
N VAL B 503 22.48 -9.36 -13.63
CA VAL B 503 21.07 -9.68 -13.88
C VAL B 503 20.12 -8.55 -13.50
N SER B 504 18.87 -8.63 -14.00
CA SER B 504 17.88 -7.56 -13.83
C SER B 504 16.41 -7.90 -14.10
N THR B 505 16.13 -8.87 -14.95
CA THR B 505 14.73 -9.18 -15.30
C THR B 505 14.10 -9.99 -14.17
N ALA B 506 12.78 -9.93 -14.10
CA ALA B 506 12.00 -10.75 -13.16
C ALA B 506 12.40 -12.23 -13.19
N GLU B 507 12.62 -12.75 -14.40
CA GLU B 507 12.90 -14.17 -14.61
C GLU B 507 14.28 -14.51 -14.09
N GLU B 508 15.28 -13.68 -14.40
CA GLU B 508 16.67 -13.92 -13.98
C GLU B 508 16.78 -13.89 -12.46
N ILE B 509 16.12 -12.89 -11.87
CA ILE B 509 16.17 -12.71 -10.41
C ILE B 509 15.48 -13.89 -9.75
N PHE B 510 14.31 -14.26 -10.25
CA PHE B 510 13.60 -15.40 -9.69
C PHE B 510 14.37 -16.72 -9.86
N ALA B 511 14.96 -16.94 -11.03
CA ALA B 511 15.82 -18.13 -11.25
C ALA B 511 16.87 -18.31 -10.14
N ILE B 512 17.44 -17.23 -9.63
CA ILE B 512 18.38 -17.32 -8.52
C ILE B 512 17.64 -17.47 -7.18
N ALA B 513 16.66 -16.61 -6.93
CA ALA B 513 15.96 -16.55 -5.63
C ALA B 513 15.19 -17.82 -5.33
N LYS B 514 14.58 -18.38 -6.36
CA LYS B 514 13.90 -19.69 -6.32
C LYS B 514 14.77 -20.78 -5.65
N GLU B 515 16.01 -20.92 -6.11
CA GLU B 515 16.92 -21.96 -5.59
C GLU B 515 17.34 -21.74 -4.15
N LEU B 516 17.51 -20.47 -3.78
CA LEU B 516 17.84 -20.09 -2.42
C LEU B 516 16.68 -20.41 -1.49
N LEU B 517 15.46 -20.18 -1.97
CA LEU B 517 14.28 -20.55 -1.20
C LEU B 517 14.15 -22.07 -1.10
N LYS B 518 14.35 -22.76 -2.23
CA LYS B 518 14.39 -24.24 -2.25
C LYS B 518 15.30 -24.82 -1.17
N THR B 519 16.52 -24.32 -1.12
CA THR B 519 17.49 -24.80 -0.14
C THR B 519 16.93 -24.70 1.29
N GLU B 520 16.23 -23.61 1.59
CA GLU B 520 15.69 -23.41 2.95
C GLU B 520 14.48 -24.27 3.26
N ILE B 521 13.65 -24.48 2.24
CA ILE B 521 12.50 -25.38 2.36
C ILE B 521 12.96 -26.83 2.60
N ASP B 522 13.96 -27.29 1.84
CA ASP B 522 14.53 -28.65 1.99
C ASP B 522 15.22 -28.86 3.36
N ALA B 523 15.97 -27.86 3.82
CA ALA B 523 16.68 -27.94 5.11
C ALA B 523 15.78 -28.26 6.32
N ASP B 524 14.53 -27.81 6.30
CA ASP B 524 13.60 -28.10 7.39
C ASP B 524 12.70 -29.31 7.14
N PHE B 525 12.77 -29.88 5.93
CA PHE B 525 11.92 -30.98 5.50
C PHE B 525 12.02 -32.14 6.50
N PRO B 526 10.89 -32.73 6.92
CA PRO B 526 9.56 -32.51 6.35
C PRO B 526 8.76 -31.33 6.92
N HIS B 527 9.34 -30.52 7.82
CA HIS B 527 8.60 -29.39 8.41
C HIS B 527 8.47 -28.26 7.39
N PRO B 528 7.30 -27.61 7.34
CA PRO B 528 7.17 -26.46 6.45
C PRO B 528 7.78 -25.22 7.12
N LEU B 529 8.29 -24.29 6.31
CA LEU B 529 8.67 -22.96 6.82
C LEU B 529 7.38 -22.22 7.18
N ARG B 530 7.37 -21.56 8.33
CA ARG B 530 6.21 -20.79 8.72
C ARG B 530 6.64 -19.35 8.72
N LEU B 531 6.37 -18.66 7.60
CA LEU B 531 6.91 -17.31 7.33
C LEU B 531 5.91 -16.19 7.66
N ARG B 532 6.40 -15.10 8.23
CA ARG B 532 5.61 -13.86 8.33
C ARG B 532 6.15 -12.72 7.45
N LEU B 533 7.32 -12.93 6.84
CA LEU B 533 7.90 -11.96 5.94
C LEU B 533 8.82 -12.65 4.95
N MET B 534 8.89 -12.08 3.75
CA MET B 534 9.85 -12.49 2.76
C MET B 534 10.36 -11.23 2.06
N GLY B 535 11.63 -11.26 1.70
CA GLY B 535 12.25 -10.17 0.94
C GLY B 535 13.17 -10.68 -0.14
N VAL B 536 13.33 -9.87 -1.18
CA VAL B 536 14.38 -10.08 -2.18
C VAL B 536 15.17 -8.79 -2.33
N ARG B 537 16.50 -8.93 -2.36
CA ARG B 537 17.43 -7.83 -2.51
C ARG B 537 18.40 -8.15 -3.63
N ILE B 538 18.84 -7.12 -4.33
CA ILE B 538 19.86 -7.25 -5.33
C ILE B 538 20.95 -6.22 -5.03
N SER B 539 22.20 -6.62 -5.24
CA SER B 539 23.35 -5.81 -4.94
C SER B 539 24.49 -6.15 -5.91
N SER B 540 25.71 -5.67 -5.62
CA SER B 540 26.86 -5.84 -6.49
C SER B 540 26.58 -5.25 -7.85
N PHE B 541 26.24 -3.96 -7.85
CA PHE B 541 26.08 -3.20 -9.08
C PHE B 541 27.45 -2.89 -9.70
N PRO B 542 27.53 -2.74 -11.04
CA PRO B 542 28.84 -2.35 -11.61
C PRO B 542 29.31 -1.00 -11.02
N ASN B 543 30.52 -1.00 -10.44
CA ASN B 543 30.94 0.04 -9.48
C ASN B 543 31.24 1.37 -10.14
O19 LDG D 5 -9.82 -6.08 -11.97
C19 LDG D 5 -8.80 -5.37 -11.86
C18 LDG D 5 -8.53 -4.62 -10.60
C17 LDG D 5 -9.45 -4.69 -9.45
O17 LDG D 5 -10.62 -5.42 -9.41
C16 LDG D 5 -9.09 -3.89 -8.28
C9 LDG D 5 -7.85 -3.11 -8.22
C81 LDG D 5 -7.03 -3.07 -9.34
C7 LDG D 5 -7.30 -3.80 -10.50
C61 LDG D 5 -6.35 -3.69 -11.64
O61 LDG D 5 -5.32 -2.98 -11.56
C20 LDG D 5 -7.84 -5.26 -13.00
C1 LDG D 5 -8.09 -5.96 -14.19
C51 LDG D 5 -6.63 -4.42 -12.89
C41 LDG D 5 -5.75 -4.36 -13.98
C3 LDG D 5 -6.05 -5.07 -15.14
C71 LDG D 5 -7.19 -5.85 -15.24
O1 LDG D 5 -7.58 -2.42 -7.06
C14 LDG D 5 -6.30 -1.93 -6.67
C15 LDG D 5 -11.69 -5.10 -10.30
C2R LDG D 5 -9.97 -3.99 -7.10
P LDG D 5 -8.08 4.90 -3.61
OP1 LDG D 5 -6.92 5.34 -2.81
O5' LDG D 5 -7.89 3.72 -4.67
C5' LDG D 5 -7.03 2.62 -4.32
C4' LDG D 5 -7.10 1.64 -5.46
C3' LDG D 5 -6.91 2.30 -6.82
O3' LDG D 5 -6.08 1.44 -7.60
C2' LDG D 5 -8.31 2.35 -7.42
C1' LDG D 5 -8.95 1.12 -6.78
O4' LDG D 5 -8.44 1.11 -5.46
N9 LDG D 5 -10.40 1.08 -6.78
C4 LDG D 5 -11.15 -0.06 -6.89
C5 LDG D 5 -12.46 0.37 -6.88
N7 LDG D 5 -12.51 1.74 -6.78
C8 LDG D 5 -11.26 2.15 -6.72
N3 LDG D 5 -10.66 -1.31 -6.99
C2 LDG D 5 -11.64 -2.21 -7.07
N2 LDG D 5 -11.34 -3.51 -7.18
N1 LDG D 5 -12.98 -1.88 -7.07
C6 LDG D 5 -13.49 -0.60 -6.98
O6 LDG D 5 -14.72 -0.44 -6.98
OP2 LDG D 5 -8.97 5.95 -4.19
O19 LDG F 5 15.28 5.98 3.26
C19 LDG F 5 14.67 5.26 2.46
C18 LDG F 5 13.38 4.60 2.80
C17 LDG F 5 12.75 4.74 4.14
O17 LDG F 5 13.26 5.47 5.18
C16 LDG F 5 11.51 4.01 4.37
C9 LDG F 5 10.87 3.19 3.32
C81 LDG F 5 11.50 3.09 2.07
C7 LDG F 5 12.68 3.75 1.78
C61 LDG F 5 13.28 3.57 0.40
O61 LDG F 5 12.73 2.86 -0.47
C20 LDG F 5 15.24 5.09 1.12
C1 LDG F 5 16.44 5.73 0.79
C51 LDG F 5 14.56 4.26 0.08
C41 LDG F 5 15.13 4.11 -1.17
C3 LDG F 5 16.32 4.77 -1.44
C71 LDG F 5 16.96 5.56 -0.48
O1 LDG F 5 9.67 2.57 3.62
C14 LDG F 5 8.73 2.07 2.66
C15 LDG F 5 14.55 5.17 5.73
C2R LDG F 5 10.85 4.17 5.68
P LDG F 5 6.61 -4.73 5.76
OP1 LDG F 5 5.38 -5.14 5.08
O5' LDG F 5 7.50 -3.61 5.06
C5' LDG F 5 6.88 -2.44 4.46
C4' LDG F 5 7.98 -1.52 3.98
C3' LDG F 5 9.09 -2.20 3.21
O3' LDG F 5 9.42 -1.42 2.06
C2' LDG F 5 10.25 -2.26 4.20
C1' LDG F 5 9.99 -1.00 5.02
O4' LDG F 5 8.59 -0.98 5.18
N9 LDG F 5 10.63 -0.93 6.32
C4 LDG F 5 11.08 0.23 6.91
C5 LDG F 5 11.63 -0.17 8.11
N7 LDG F 5 11.54 -1.53 8.24
C8 LDG F 5 10.94 -1.96 7.16
N3 LDG F 5 10.97 1.48 6.41
C2 LDG F 5 11.50 2.39 7.23
N2 LDG F 5 11.49 3.69 6.88
N1 LDG F 5 12.07 2.08 8.44
C6 LDG F 5 12.19 0.80 8.97
O6 LDG F 5 12.73 0.62 10.07
OP2 LDG F 5 7.43 -5.81 6.32
MG MG G . -16.21 -15.12 -4.26
MG MG H . -26.41 -8.45 -11.15
MG MG I . -16.36 -13.42 -8.06
C1 GOL J . -6.72 -6.26 -6.60
O1 GOL J . -5.80 -5.51 -5.78
C2 GOL J . -6.10 -6.70 -7.95
O2 GOL J . -7.12 -6.83 -8.94
C3 GOL J . -4.96 -5.79 -8.43
O3 GOL J . -4.53 -6.17 -9.74
C1 EDO K . -17.76 -17.94 8.23
O1 EDO K . -16.88 -18.75 9.04
C2 EDO K . -17.04 -17.44 6.98
O2 EDO K . -17.16 -18.20 5.76
C1 EDO L . 4.39 22.90 -12.10
O1 EDO L . 3.45 23.68 -12.87
C2 EDO L . 5.78 22.98 -12.76
O2 EDO L . 6.13 21.85 -13.59
C1 PEG M . -17.23 -31.42 2.09
O1 PEG M . -16.69 -30.11 1.88
C2 PEG M . -16.70 -32.38 1.02
O2 PEG M . -16.11 -33.50 1.69
C3 PEG M . -16.32 -34.76 1.05
C4 PEG M . -15.33 -35.78 1.61
O4 PEG M . -14.28 -36.00 0.67
N1 DZ4 N . -13.51 -3.55 -3.77
C2 DZ4 N . -12.35 -4.20 -3.61
N3 DZ4 N . -12.14 -5.53 -3.56
C4 DZ4 N . -13.28 -6.22 -3.70
C5 DZ4 N . -14.54 -5.67 -3.86
C6 DZ4 N . -14.64 -4.27 -3.90
N6 DZ4 N . -15.82 -3.61 -4.06
N7 DZ4 N . -15.47 -6.70 -3.96
C8 DZ4 N . -14.76 -7.80 -3.86
N9 DZ4 N . -13.44 -7.58 -3.70
PA DZ4 N . -16.37 -11.82 -4.68
PB DZ4 N . -16.10 -13.03 -2.04
PG DZ4 N . -18.55 -14.65 -2.03
C1' DZ4 N . -12.38 -8.61 -3.52
O1A DZ4 N . -16.30 -13.26 -5.28
O1B DZ4 N . -15.27 -14.16 -2.84
O1G DZ4 N . -18.45 -16.01 -1.40
C2' DZ4 N . -12.51 -9.32 -2.18
O2A DZ4 N . -17.44 -11.07 -5.35
O2B DZ4 N . -15.34 -12.44 -0.95
O2G DZ4 N . -19.88 -13.98 -1.77
C3' DZ4 N . -13.26 -10.59 -2.51
O3' DZ4 N . -12.94 -11.64 -1.59
N3A DZ4 N . -16.62 -11.90 -3.09
O3B DZ4 N . -17.37 -13.77 -1.40
O3G DZ4 N . -18.34 -14.78 -3.52
C4' DZ4 N . -12.77 -10.90 -3.91
O4' DZ4 N . -12.50 -9.63 -4.52
C5' DZ4 N . -13.73 -11.73 -4.75
O5' DZ4 N . -14.98 -11.05 -4.92
MG MG O . 11.32 15.31 12.03
MG MG P . 21.10 8.19 18.46
MG MG Q . 14.49 13.61 10.64
C1 GOL R . 8.50 5.85 2.83
O1 GOL R . 7.26 5.24 2.39
C2 GOL R . 9.62 5.84 1.77
O2 GOL R . 10.29 7.11 1.71
C3 GOL R . 9.18 5.26 0.38
O3 GOL R . 10.20 5.23 -0.63
C1 PEG S . 10.23 -26.95 -6.54
O1 PEG S . 9.77 -27.90 -5.56
C2 PEG S . 9.03 -26.18 -7.11
O2 PEG S . 9.48 -25.05 -7.88
C3 PEG S . 8.59 -24.58 -8.90
C4 PEG S . 8.22 -23.10 -8.66
O4 PEG S . 8.09 -22.33 -9.87
N1 DZ4 T . 9.46 3.82 10.28
C2 DZ4 T . 8.87 4.47 9.26
N3 DZ4 T . 8.78 5.79 9.06
C4 DZ4 T . 9.40 6.49 10.05
C5 DZ4 T . 10.03 5.94 11.14
C6 DZ4 T . 10.05 4.54 11.26
N6 DZ4 T . 10.63 3.89 12.30
N7 DZ4 T . 10.52 6.97 11.93
C8 DZ4 T . 10.19 8.06 11.28
N9 DZ4 T . 9.54 7.83 10.14
PA DZ4 T . 11.62 12.02 12.26
PB DZ4 T . 9.19 13.37 13.12
PG DZ4 T . 10.36 15.08 15.20
C1' DZ4 T . 8.95 8.84 9.20
O1A DZ4 T . 12.63 11.22 12.93
O1B DZ4 T . 7.84 12.86 12.85
O1G DZ4 T . 10.92 14.39 16.41
C2' DZ4 T . 7.76 9.54 9.83
O2A DZ4 T . 12.16 13.43 11.91
O2B DZ4 T . 9.63 14.41 11.98
O2G DZ4 T . 9.73 16.41 15.57
C3' DZ4 T . 8.33 10.84 10.35
O3' DZ4 T . 7.32 11.84 10.44
N3A DZ4 T . 10.28 12.15 13.18
O3B DZ4 T . 9.24 14.14 14.53
O3G DZ4 T . 11.47 15.32 14.21
C4' DZ4 T . 9.39 11.14 9.31
O4' DZ4 T . 9.88 9.87 8.86
C5' DZ4 T . 10.52 12.00 9.85
O5' DZ4 T . 11.17 11.30 10.90
#